data_6UTM
#
_entry.id   6UTM
#
_cell.length_a   77.912
_cell.length_b   186.966
_cell.length_c   121.751
_cell.angle_alpha   90.000
_cell.angle_beta   90.000
_cell.angle_gamma   90.000
#
_symmetry.space_group_name_H-M   'C 2 2 21'
#
loop_
_entity.id
_entity.type
_entity.pdbx_description
1 polymer 'Glyceraldehyde-3-phosphate dehydrogenase'
2 non-polymer SN-GLYCEROL-3-PHOSPHATE
3 non-polymer 'SODIUM ION'
4 non-polymer GLYCEROL
5 water water
#
_entity_poly.entity_id   1
_entity_poly.type   'polypeptide(L)'
_entity_poly.pdbx_seq_one_letter_code
;TIKVGINGFGRIGRIVFRAAQKRSDIEIVAINDLLDADYMAYMLKYDSTHGRFDGTVEVKDGHLIVNGKKIRVTAERDPA
NLKWDEVGVDVVAEATGLFLTDETARKHITAGAKKVVMTGPSKDNTPMFVKGANFDKYAGQDIVSNASCTTNCLAPLAKV
INDNFGIIEGLMTTVHATTATQKTVDGPSHKDWRGGRGASQNIIPSSTGAAKAVGKVLPELNGKLTGMAFRVPTPNVSVV
DLTVRLEKAATYEQIKAAVKAAAEGEMKGVLGYTEDDVVSTDFNGEVCTSVFDAKAGIALNDNFVKLVSWYDNETGYSNK
VLDLIAHISK
;
_entity_poly.pdbx_strand_id   A,B
#
# COMPACT_ATOMS: atom_id res chain seq x y z
N THR A 1 9.80 -5.50 30.41
CA THR A 1 9.03 -4.82 29.38
C THR A 1 8.73 -3.37 29.72
N ILE A 2 8.97 -2.44 28.80
CA ILE A 2 8.60 -1.05 29.08
C ILE A 2 7.11 -0.88 28.80
N LYS A 3 6.35 -0.42 29.81
CA LYS A 3 4.92 -0.12 29.67
C LYS A 3 4.74 1.31 29.15
N VAL A 4 4.02 1.48 28.04
CA VAL A 4 3.95 2.77 27.35
C VAL A 4 2.50 3.22 27.23
N GLY A 5 2.27 4.51 27.50
CA GLY A 5 0.99 5.14 27.23
C GLY A 5 1.14 6.08 26.05
N ILE A 6 0.13 6.08 25.18
CA ILE A 6 0.13 6.98 24.03
C ILE A 6 -0.89 8.09 24.31
N ASN A 7 -0.44 9.32 24.22
CA ASN A 7 -1.34 10.48 24.30
C ASN A 7 -1.47 11.02 22.88
N GLY A 8 -2.66 10.89 22.29
CA GLY A 8 -2.82 11.30 20.91
C GLY A 8 -2.81 10.12 19.95
N PHE A 9 -3.94 9.88 19.29
CA PHE A 9 -4.06 8.76 18.36
C PHE A 9 -4.21 9.26 16.92
N GLY A 10 -3.37 10.21 16.54
CA GLY A 10 -3.26 10.66 15.17
C GLY A 10 -2.32 9.73 14.44
N ARG A 11 -1.84 10.18 13.27
CA ARG A 11 -1.02 9.30 12.43
C ARG A 11 0.15 8.73 13.22
N ILE A 12 0.91 9.59 13.92
CA ILE A 12 2.11 9.10 14.61
C ILE A 12 1.71 8.17 15.75
N GLY A 13 0.71 8.55 16.55
CA GLY A 13 0.25 7.67 17.61
C GLY A 13 -0.14 6.29 17.09
N ARG A 14 -0.85 6.22 15.95
CA ARG A 14 -1.34 4.95 15.46
C ARG A 14 -0.22 4.09 14.86
N ILE A 15 0.73 4.72 14.16
CA ILE A 15 1.85 3.94 13.61
C ILE A 15 2.83 3.56 14.71
N VAL A 16 2.99 4.40 15.74
CA VAL A 16 3.76 3.96 16.90
C VAL A 16 3.08 2.73 17.51
N PHE A 17 1.75 2.75 17.57
CA PHE A 17 1.04 1.60 18.12
C PHE A 17 1.34 0.35 17.31
N ARG A 18 1.27 0.44 15.98
CA ARG A 18 1.56 -0.73 15.14
C ARG A 18 3.00 -1.20 15.28
N ALA A 19 3.94 -0.26 15.26
CA ALA A 19 5.35 -0.65 15.37
C ALA A 19 5.61 -1.33 16.70
N ALA A 20 4.96 -0.89 17.77
CA ALA A 20 5.19 -1.50 19.08
C ALA A 20 4.75 -2.96 19.13
N GLN A 21 3.80 -3.36 18.27
CA GLN A 21 3.34 -4.75 18.27
C GLN A 21 4.46 -5.69 17.86
N LYS A 22 5.42 -5.23 17.09
CA LYS A 22 6.51 -6.07 16.62
C LYS A 22 7.71 -6.08 17.57
N ARG A 23 7.61 -5.46 18.75
CA ARG A 23 8.73 -5.32 19.66
C ARG A 23 8.40 -6.04 20.97
N SER A 24 9.32 -6.86 21.45
CA SER A 24 9.10 -7.56 22.69
C SER A 24 9.44 -6.72 23.92
N ASP A 25 10.30 -5.71 23.78
CA ASP A 25 10.71 -4.90 24.93
C ASP A 25 9.71 -3.80 25.29
N ILE A 26 8.71 -3.52 24.45
CA ILE A 26 7.78 -2.43 24.69
C ILE A 26 6.35 -2.92 24.51
N GLU A 27 5.46 -2.54 25.42
CA GLU A 27 4.07 -2.94 25.38
C GLU A 27 3.23 -1.68 25.57
N ILE A 28 2.34 -1.40 24.63
CA ILE A 28 1.38 -0.31 24.80
C ILE A 28 0.30 -0.82 25.73
N VAL A 29 0.02 -0.07 26.80
CA VAL A 29 -0.99 -0.48 27.76
C VAL A 29 -2.14 0.50 27.87
N ALA A 30 -2.05 1.65 27.23
CA ALA A 30 -3.09 2.66 27.40
C ALA A 30 -2.96 3.65 26.27
N ILE A 31 -4.11 4.14 25.81
CA ILE A 31 -4.20 5.22 24.82
C ILE A 31 -5.16 6.26 25.34
N ASN A 32 -4.79 7.54 25.19
CA ASN A 32 -5.65 8.66 25.53
C ASN A 32 -5.89 9.52 24.31
N ASP A 33 -7.16 9.75 23.98
CA ASP A 33 -7.54 10.75 22.99
C ASP A 33 -9.03 11.02 23.11
N LEU A 34 -9.48 12.08 22.45
CA LEU A 34 -10.88 12.47 22.43
C LEU A 34 -11.65 11.70 21.35
N LEU A 35 -11.59 10.38 21.45
CA LEU A 35 -12.23 9.47 20.51
C LEU A 35 -12.81 8.32 21.30
N ASP A 36 -14.01 7.88 20.91
CA ASP A 36 -14.57 6.67 21.50
C ASP A 36 -13.71 5.47 21.16
N ALA A 37 -13.78 4.46 22.03
CA ALA A 37 -12.97 3.25 21.82
C ALA A 37 -13.33 2.57 20.49
N ASP A 38 -14.61 2.55 20.13
CA ASP A 38 -14.95 1.85 18.88
C ASP A 38 -14.41 2.61 17.67
N TYR A 39 -14.35 3.94 17.74
CA TYR A 39 -13.73 4.69 16.66
C TYR A 39 -12.21 4.50 16.65
N MET A 40 -11.58 4.43 17.82
CA MET A 40 -10.15 4.13 17.88
C MET A 40 -9.87 2.77 17.25
N ALA A 41 -10.72 1.78 17.53
CA ALA A 41 -10.53 0.45 16.97
C ALA A 41 -10.61 0.49 15.44
N TYR A 42 -11.56 1.25 14.90
CA TYR A 42 -11.70 1.41 13.45
C TYR A 42 -10.45 2.03 12.83
N MET A 43 -9.92 3.09 13.43
CA MET A 43 -8.73 3.76 12.90
C MET A 43 -7.48 2.90 12.96
N LEU A 44 -7.37 2.07 13.99
CA LEU A 44 -6.27 1.10 14.06
C LEU A 44 -6.44 0.00 13.02
N LYS A 45 -7.67 -0.51 12.85
CA LYS A 45 -7.89 -1.69 12.00
C LYS A 45 -7.64 -1.37 10.54
N TYR A 46 -8.04 -0.20 10.08
CA TYR A 46 -7.96 0.15 8.67
C TYR A 46 -7.06 1.35 8.47
N ASP A 47 -6.13 1.25 7.53
CA ASP A 47 -5.22 2.36 7.25
C ASP A 47 -5.04 2.46 5.74
N SER A 48 -5.32 3.64 5.19
CA SER A 48 -5.22 3.81 3.74
C SER A 48 -3.81 3.61 3.21
N THR A 49 -2.82 3.96 4.01
CA THR A 49 -1.41 3.94 3.60
C THR A 49 -0.74 2.62 3.91
N HIS A 50 -1.03 2.07 5.07
CA HIS A 50 -0.30 0.91 5.56
C HIS A 50 -1.10 -0.37 5.59
N GLY A 51 -2.37 -0.36 5.14
CA GLY A 51 -3.13 -1.60 5.09
C GLY A 51 -3.76 -1.97 6.42
N ARG A 52 -4.31 -3.19 6.44
CA ARG A 52 -5.08 -3.61 7.61
C ARG A 52 -4.16 -3.96 8.77
N PHE A 53 -4.64 -3.71 9.98
CA PHE A 53 -3.87 -4.06 11.16
C PHE A 53 -3.57 -5.56 11.16
N ASP A 54 -2.33 -5.90 11.43
CA ASP A 54 -1.91 -7.30 11.50
C ASP A 54 -2.22 -7.83 12.90
N GLY A 55 -3.46 -8.27 13.09
CA GLY A 55 -3.90 -8.78 14.37
C GLY A 55 -5.39 -8.55 14.56
N THR A 56 -5.85 -8.77 15.79
CA THR A 56 -7.25 -8.66 16.13
C THR A 56 -7.49 -7.43 16.98
N VAL A 57 -8.61 -6.77 16.73
CA VAL A 57 -9.02 -5.59 17.50
C VAL A 57 -10.47 -5.82 17.91
N GLU A 58 -10.73 -5.77 19.21
CA GLU A 58 -12.09 -5.87 19.73
C GLU A 58 -12.30 -4.78 20.76
N VAL A 59 -13.55 -4.31 20.91
CA VAL A 59 -13.91 -3.36 21.96
C VAL A 59 -14.75 -4.08 23.00
N LYS A 60 -14.38 -3.93 24.27
CA LYS A 60 -15.09 -4.55 25.39
C LYS A 60 -15.14 -3.55 26.53
N ASP A 61 -16.36 -3.20 26.95
CA ASP A 61 -16.60 -2.31 28.09
C ASP A 61 -15.81 -1.02 27.97
N GLY A 62 -15.80 -0.45 26.76
CA GLY A 62 -15.19 0.85 26.52
C GLY A 62 -13.69 0.85 26.36
N HIS A 63 -13.03 -0.31 26.38
CA HIS A 63 -11.60 -0.38 26.19
C HIS A 63 -11.28 -1.25 24.97
N LEU A 64 -10.01 -1.23 24.57
CA LEU A 64 -9.58 -1.98 23.41
C LEU A 64 -9.00 -3.29 23.87
N ILE A 65 -9.24 -4.33 23.08
CA ILE A 65 -8.56 -5.61 23.25
C ILE A 65 -7.83 -5.83 21.94
N VAL A 66 -6.51 -5.76 21.99
CA VAL A 66 -5.70 -5.86 20.79
C VAL A 66 -4.82 -7.09 20.96
N ASN A 67 -5.01 -8.06 20.06
CA ASN A 67 -4.32 -9.34 20.17
C ASN A 67 -4.54 -9.95 21.55
N GLY A 68 -5.77 -9.86 22.03
CA GLY A 68 -6.14 -10.39 23.33
C GLY A 68 -5.75 -9.54 24.54
N LYS A 69 -4.88 -8.54 24.39
CA LYS A 69 -4.44 -7.72 25.52
C LYS A 69 -5.33 -6.50 25.66
N LYS A 70 -5.70 -6.19 26.91
CA LYS A 70 -6.56 -5.04 27.17
C LYS A 70 -5.74 -3.76 27.17
N ILE A 71 -6.29 -2.73 26.51
CA ILE A 71 -5.68 -1.39 26.43
CA ILE A 71 -5.67 -1.41 26.48
C ILE A 71 -6.67 -0.42 27.04
N ARG A 72 -6.25 0.29 28.10
CA ARG A 72 -7.13 1.27 28.72
C ARG A 72 -7.27 2.48 27.83
N VAL A 73 -8.52 2.84 27.53
CA VAL A 73 -8.86 3.96 26.69
C VAL A 73 -9.41 5.07 27.58
N THR A 74 -8.91 6.29 27.41
CA THR A 74 -9.40 7.45 28.14
C THR A 74 -9.53 8.60 27.16
N ALA A 75 -10.19 9.65 27.61
CA ALA A 75 -10.42 10.85 26.81
C ALA A 75 -10.24 12.09 27.69
N GLU A 76 -9.08 12.20 28.34
CA GLU A 76 -8.77 13.36 29.19
C GLU A 76 -8.15 14.46 28.35
N ARG A 77 -8.69 15.68 28.48
CA ARG A 77 -8.06 16.83 27.83
C ARG A 77 -6.83 17.32 28.60
N ASP A 78 -6.80 17.13 29.92
CA ASP A 78 -5.71 17.59 30.78
C ASP A 78 -4.81 16.42 31.13
N PRO A 79 -3.55 16.39 30.68
CA PRO A 79 -2.68 15.24 30.99
C PRO A 79 -2.47 14.99 32.47
N ALA A 80 -2.63 16.01 33.31
CA ALA A 80 -2.44 15.80 34.74
C ALA A 80 -3.46 14.83 35.32
N ASN A 81 -4.59 14.60 34.63
CA ASN A 81 -5.63 13.69 35.10
C ASN A 81 -5.50 12.27 34.55
N LEU A 82 -4.40 11.95 33.87
CA LEU A 82 -4.38 10.71 33.11
C LEU A 82 -4.17 9.48 33.96
N LYS A 83 -3.73 9.63 35.22
CA LYS A 83 -3.62 8.51 36.13
C LYS A 83 -2.79 7.39 35.50
N TRP A 84 -1.66 7.77 34.90
CA TRP A 84 -0.83 6.76 34.25
C TRP A 84 -0.38 5.70 35.23
N ASP A 85 -0.23 6.06 36.51
CA ASP A 85 0.27 5.12 37.50
C ASP A 85 -0.64 3.91 37.66
N GLU A 86 -1.94 4.10 37.44
CA GLU A 86 -2.89 3.01 37.63
C GLU A 86 -2.73 1.89 36.61
N VAL A 87 -2.10 2.18 35.47
CA VAL A 87 -1.85 1.17 34.46
C VAL A 87 -0.38 0.81 34.39
N GLY A 88 0.43 1.33 35.31
CA GLY A 88 1.84 0.98 35.36
C GLY A 88 2.64 1.58 34.22
N VAL A 89 2.25 2.73 33.69
CA VAL A 89 2.95 3.29 32.54
C VAL A 89 4.32 3.81 32.96
N ASP A 90 5.36 3.33 32.28
CA ASP A 90 6.71 3.83 32.45
C ASP A 90 6.96 5.10 31.65
N VAL A 91 6.73 5.05 30.32
CA VAL A 91 7.00 6.15 29.41
C VAL A 91 5.73 6.54 28.64
N VAL A 92 5.54 7.84 28.44
CA VAL A 92 4.44 8.35 27.64
C VAL A 92 4.96 8.76 26.26
N ALA A 93 4.32 8.24 25.21
CA ALA A 93 4.55 8.77 23.86
C ALA A 93 3.62 9.96 23.70
N GLU A 94 4.18 11.16 23.77
CA GLU A 94 3.37 12.38 23.79
C GLU A 94 3.18 12.82 22.34
N ALA A 95 2.03 12.46 21.77
CA ALA A 95 1.82 12.55 20.33
C ALA A 95 0.63 13.43 19.93
N THR A 96 0.21 14.38 20.76
CA THR A 96 -0.90 15.28 20.41
C THR A 96 -0.45 16.54 19.68
N GLY A 97 0.84 16.86 19.70
CA GLY A 97 1.30 18.15 19.23
C GLY A 97 0.97 19.30 20.15
N LEU A 98 0.31 19.06 21.28
CA LEU A 98 -0.18 20.13 22.14
C LEU A 98 0.72 20.37 23.35
N PHE A 99 1.65 19.47 23.66
CA PHE A 99 2.41 19.55 24.91
C PHE A 99 3.90 19.41 24.60
N LEU A 100 4.44 20.39 23.89
CA LEU A 100 5.81 20.36 23.41
C LEU A 100 6.76 21.23 24.24
N THR A 101 6.44 21.46 25.52
CA THR A 101 7.35 22.15 26.44
C THR A 101 7.48 21.34 27.72
N ASP A 102 8.53 21.63 28.50
CA ASP A 102 8.70 20.89 29.74
C ASP A 102 7.49 21.07 30.65
N GLU A 103 7.03 22.32 30.77
CA GLU A 103 5.95 22.60 31.72
C GLU A 103 4.67 21.84 31.36
N THR A 104 4.32 21.76 30.07
CA THR A 104 3.09 21.04 29.74
C THR A 104 3.32 19.52 29.77
N ALA A 105 4.42 19.04 29.18
CA ALA A 105 4.64 17.59 29.14
C ALA A 105 4.86 17.02 30.54
N ARG A 106 5.38 17.82 31.49
CA ARG A 106 5.66 17.28 32.82
C ARG A 106 4.39 16.91 33.58
N LYS A 107 3.24 17.45 33.17
CA LYS A 107 1.97 17.01 33.76
C LYS A 107 1.79 15.50 33.67
N HIS A 108 2.41 14.86 32.66
CA HIS A 108 2.37 13.40 32.58
C HIS A 108 3.09 12.77 33.76
N ILE A 109 4.18 13.41 34.21
CA ILE A 109 4.93 12.84 35.32
C ILE A 109 4.19 13.04 36.64
N THR A 110 3.55 14.20 36.83
CA THR A 110 2.64 14.34 37.96
C THR A 110 1.48 13.35 37.88
N ALA A 111 1.08 12.93 36.68
CA ALA A 111 0.03 11.90 36.58
C ALA A 111 0.57 10.49 36.77
N GLY A 112 1.86 10.32 37.04
CA GLY A 112 2.37 9.02 37.43
C GLY A 112 3.34 8.37 36.47
N ALA A 113 3.57 8.95 35.29
CA ALA A 113 4.56 8.38 34.38
C ALA A 113 5.96 8.73 34.86
N LYS A 114 6.94 7.92 34.43
CA LYS A 114 8.32 8.20 34.78
C LYS A 114 9.01 9.10 33.76
N LYS A 115 8.71 8.93 32.46
CA LYS A 115 9.41 9.68 31.43
C LYS A 115 8.46 9.98 30.28
N VAL A 116 8.82 10.98 29.47
CA VAL A 116 7.98 11.42 28.36
C VAL A 116 8.84 11.56 27.12
N VAL A 117 8.37 10.98 25.99
CA VAL A 117 8.98 11.24 24.70
C VAL A 117 7.99 12.03 23.85
N MET A 118 8.37 13.26 23.49
CA MET A 118 7.57 14.06 22.57
C MET A 118 7.79 13.59 21.14
N THR A 119 6.71 13.36 20.40
CA THR A 119 6.84 12.93 19.01
C THR A 119 6.85 14.10 18.03
N GLY A 120 7.57 15.16 18.37
CA GLY A 120 7.82 16.28 17.50
C GLY A 120 8.87 17.16 18.16
N PRO A 121 9.39 18.16 17.44
CA PRO A 121 10.41 19.04 18.02
C PRO A 121 9.84 19.84 19.17
N SER A 122 10.63 19.96 20.24
CA SER A 122 10.19 20.73 21.40
C SER A 122 10.10 22.23 21.07
N LYS A 123 9.19 22.91 21.74
CA LYS A 123 9.08 24.34 21.57
C LYS A 123 9.85 25.13 22.63
N ASP A 124 10.40 24.46 23.64
CA ASP A 124 11.35 25.09 24.55
C ASP A 124 12.67 24.35 24.37
N ASN A 125 13.50 24.30 25.41
CA ASN A 125 14.82 23.68 25.34
C ASN A 125 14.81 22.21 25.75
N THR A 126 13.64 21.57 25.82
CA THR A 126 13.62 20.13 25.99
C THR A 126 14.60 19.52 24.99
N PRO A 127 15.57 18.72 25.44
CA PRO A 127 16.59 18.18 24.54
C PRO A 127 16.00 17.23 23.51
N MET A 128 16.51 17.30 22.30
CA MET A 128 16.11 16.42 21.21
C MET A 128 17.19 15.38 20.98
N PHE A 129 16.78 14.16 20.68
CA PHE A 129 17.72 13.10 20.39
C PHE A 129 17.28 12.45 19.10
N VAL A 130 18.23 12.21 18.21
CA VAL A 130 17.99 11.60 16.91
C VAL A 130 18.94 10.43 16.78
N LYS A 131 18.39 9.24 16.56
CA LYS A 131 19.24 8.06 16.50
C LYS A 131 20.17 8.15 15.29
N GLY A 132 21.44 7.78 15.52
CA GLY A 132 22.43 7.95 14.48
C GLY A 132 23.00 9.34 14.42
N ALA A 133 22.54 10.25 15.28
CA ALA A 133 23.17 11.56 15.43
C ALA A 133 23.68 11.75 16.85
N ASN A 134 22.84 11.58 17.88
CA ASN A 134 23.27 11.96 19.22
C ASN A 134 22.58 11.17 20.32
N PHE A 135 22.11 9.94 20.04
CA PHE A 135 21.56 9.13 21.14
C PHE A 135 22.57 8.98 22.26
N ASP A 136 23.87 8.90 21.92
CA ASP A 136 24.87 8.70 22.97
C ASP A 136 25.04 9.94 23.86
N LYS A 137 24.47 11.08 23.49
CA LYS A 137 24.53 12.23 24.39
C LYS A 137 23.43 12.20 25.46
N TYR A 138 22.49 11.27 25.38
CA TYR A 138 21.43 11.18 26.37
C TYR A 138 22.04 10.95 27.76
N ALA A 139 21.56 11.68 28.75
CA ALA A 139 22.22 11.69 30.07
C ALA A 139 21.18 11.71 31.19
N GLY A 140 20.12 10.93 31.05
CA GLY A 140 19.16 10.67 32.12
C GLY A 140 17.96 11.58 32.20
N GLN A 141 17.82 12.53 31.26
CA GLN A 141 16.66 13.42 31.29
C GLN A 141 15.36 12.64 31.23
N ASP A 142 14.34 13.12 31.95
CA ASP A 142 13.08 12.39 32.00
C ASP A 142 12.07 12.89 30.96
N ILE A 143 12.32 14.01 30.30
CA ILE A 143 11.46 14.47 29.19
C ILE A 143 12.37 14.81 28.02
N VAL A 144 12.13 14.18 26.86
CA VAL A 144 12.94 14.37 25.67
C VAL A 144 12.02 14.44 24.45
N SER A 145 12.61 14.85 23.33
CA SER A 145 11.95 15.00 22.04
C SER A 145 12.70 14.17 21.00
N ASN A 146 11.96 13.49 20.14
CA ASN A 146 12.59 12.76 19.05
C ASN A 146 12.80 13.64 17.81
N ALA A 147 12.67 14.95 17.96
CA ALA A 147 12.77 15.92 16.83
C ALA A 147 11.65 15.59 15.82
N SER A 148 11.90 15.66 14.51
CA SER A 148 10.89 15.49 13.47
C SER A 148 11.37 14.45 12.47
N CYS A 149 10.45 13.96 11.64
CA CYS A 149 10.74 13.03 10.54
C CYS A 149 11.90 13.51 9.64
N THR A 150 11.83 14.74 9.15
CA THR A 150 12.87 15.23 8.24
C THR A 150 14.22 15.33 8.95
N THR A 151 14.22 15.74 10.24
CA THR A 151 15.48 15.79 10.97
C THR A 151 16.07 14.39 11.14
N ASN A 152 15.22 13.39 11.35
CA ASN A 152 15.72 12.02 11.46
C ASN A 152 16.32 11.50 10.15
N CYS A 153 15.91 12.06 9.00
CA CYS A 153 16.53 11.69 7.74
C CYS A 153 17.82 12.46 7.54
N LEU A 154 17.76 13.78 7.73
CA LEU A 154 18.88 14.65 7.38
C LEU A 154 20.08 14.43 8.33
N ALA A 155 19.83 14.38 9.64
CA ALA A 155 20.96 14.39 10.59
C ALA A 155 21.88 13.19 10.48
N PRO A 156 21.39 11.94 10.38
CA PRO A 156 22.32 10.81 10.22
C PRO A 156 23.15 10.91 8.95
N LEU A 157 22.53 11.32 7.84
CA LEU A 157 23.32 11.52 6.62
C LEU A 157 24.36 12.63 6.81
N ALA A 158 23.93 13.79 7.34
CA ALA A 158 24.86 14.90 7.53
C ALA A 158 26.03 14.50 8.43
N LYS A 159 25.76 13.72 9.47
CA LYS A 159 26.83 13.31 10.37
C LYS A 159 27.89 12.48 9.63
N VAL A 160 27.47 11.48 8.84
CA VAL A 160 28.44 10.66 8.12
C VAL A 160 29.26 11.52 7.15
N ILE A 161 28.60 12.41 6.41
CA ILE A 161 29.33 13.23 5.45
C ILE A 161 30.28 14.17 6.18
N ASN A 162 29.79 14.81 7.25
CA ASN A 162 30.61 15.76 7.98
C ASN A 162 31.83 15.07 8.62
N ASP A 163 31.59 13.96 9.33
CA ASP A 163 32.67 13.22 9.99
C ASP A 163 33.74 12.79 9.01
N ASN A 164 33.34 12.38 7.80
CA ASN A 164 34.35 11.91 6.84
C ASN A 164 34.94 13.03 6.00
N PHE A 165 34.14 13.99 5.54
CA PHE A 165 34.65 14.94 4.56
C PHE A 165 34.57 16.40 5.00
N GLY A 166 33.84 16.71 6.08
CA GLY A 166 33.72 18.07 6.56
C GLY A 166 32.73 18.89 5.74
N ILE A 167 31.55 19.16 6.28
CA ILE A 167 30.60 20.00 5.56
C ILE A 167 30.95 21.45 5.85
N ILE A 168 31.33 22.20 4.81
CA ILE A 168 31.58 23.61 5.00
C ILE A 168 30.27 24.35 5.14
N GLU A 169 29.32 24.03 4.27
CA GLU A 169 28.01 24.64 4.22
C GLU A 169 27.12 23.75 3.37
N GLY A 170 25.84 23.77 3.65
CA GLY A 170 24.91 22.96 2.88
C GLY A 170 23.52 23.58 2.88
N LEU A 171 22.78 23.31 1.81
CA LEU A 171 21.38 23.68 1.71
C LEU A 171 20.57 22.46 1.33
N MET A 172 19.39 22.30 1.93
CA MET A 172 18.61 21.09 1.70
C MET A 172 17.20 21.44 1.24
N THR A 173 16.63 20.50 0.51
CA THR A 173 15.22 20.53 0.16
C THR A 173 14.66 19.17 0.53
N THR A 174 13.47 19.14 1.13
CA THR A 174 12.74 17.87 1.23
C THR A 174 11.55 17.97 0.29
N VAL A 175 11.44 17.01 -0.63
CA VAL A 175 10.24 16.83 -1.43
C VAL A 175 9.34 15.91 -0.60
N HIS A 176 8.31 16.49 -0.03
CA HIS A 176 7.64 15.95 1.13
C HIS A 176 6.20 15.55 0.78
N ALA A 177 5.80 14.37 1.27
CA ALA A 177 4.46 13.88 1.12
C ALA A 177 3.45 14.84 1.75
N THR A 178 2.20 14.77 1.28
CA THR A 178 1.09 15.49 1.91
C THR A 178 0.88 15.02 3.35
N THR A 179 0.59 15.95 4.26
CA THR A 179 0.29 15.62 5.65
C THR A 179 -1.10 16.11 6.07
N ALA A 180 -1.47 15.75 7.29
CA ALA A 180 -2.77 16.02 7.87
C ALA A 180 -3.03 17.51 8.08
N THR A 181 -2.00 18.35 8.13
CA THR A 181 -2.28 19.77 8.28
C THR A 181 -2.64 20.44 6.97
N GLN A 182 -2.55 19.74 5.84
CA GLN A 182 -2.92 20.34 4.56
C GLN A 182 -4.43 20.23 4.34
N LYS A 183 -4.89 20.81 3.23
CA LYS A 183 -6.31 20.92 2.89
C LYS A 183 -6.59 20.18 1.57
N THR A 184 -7.80 19.59 1.46
CA THR A 184 -8.12 18.83 0.27
C THR A 184 -8.40 19.72 -0.93
N VAL A 185 -8.97 20.91 -0.70
CA VAL A 185 -9.17 21.94 -1.72
C VAL A 185 -8.81 23.27 -1.05
N ASP A 186 -8.56 24.31 -1.88
CA ASP A 186 -8.15 25.62 -1.33
C ASP A 186 -9.05 26.02 -0.16
N GLY A 187 -8.46 26.19 1.01
CA GLY A 187 -9.18 26.52 2.21
C GLY A 187 -8.33 27.31 3.19
N PRO A 188 -8.90 27.65 4.36
CA PRO A 188 -8.25 28.62 5.26
C PRO A 188 -7.04 28.04 5.99
N SER A 189 -5.96 28.80 5.97
CA SER A 189 -4.68 28.48 6.60
C SER A 189 -4.01 29.81 6.90
N HIS A 190 -4.55 30.54 7.90
CA HIS A 190 -4.27 31.98 7.96
C HIS A 190 -2.85 32.26 8.42
N LYS A 191 -2.16 31.29 9.01
CA LYS A 191 -0.75 31.47 9.38
C LYS A 191 0.22 30.82 8.39
N ASP A 192 -0.28 30.22 7.31
CA ASP A 192 0.57 29.63 6.29
C ASP A 192 -0.24 29.54 5.02
N TRP A 193 -0.27 30.64 4.25
CA TRP A 193 -1.25 30.76 3.16
C TRP A 193 -1.06 29.69 2.11
N ARG A 194 0.19 29.44 1.70
CA ARG A 194 0.43 28.40 0.70
C ARG A 194 -0.08 27.05 1.19
N GLY A 195 0.04 26.78 2.49
CA GLY A 195 -0.39 25.52 3.07
C GLY A 195 -1.88 25.28 3.04
N GLY A 196 -2.68 26.32 2.77
CA GLY A 196 -4.08 26.07 2.60
C GLY A 196 -4.50 25.66 1.21
N ARG A 197 -3.59 25.75 0.23
CA ARG A 197 -3.98 25.44 -1.14
C ARG A 197 -4.17 23.94 -1.31
N GLY A 198 -5.09 23.56 -2.21
CA GLY A 198 -5.45 22.16 -2.39
C GLY A 198 -4.25 21.25 -2.57
N ALA A 199 -4.12 20.25 -1.68
CA ALA A 199 -2.89 19.47 -1.59
C ALA A 199 -2.70 18.54 -2.80
N SER A 200 -3.79 17.98 -3.32
CA SER A 200 -3.61 17.04 -4.43
C SER A 200 -3.38 17.74 -5.77
N GLN A 201 -3.60 19.06 -5.85
CA GLN A 201 -3.44 19.79 -7.10
C GLN A 201 -2.07 20.44 -7.26
N ASN A 202 -1.28 20.55 -6.19
CA ASN A 202 -0.23 21.54 -6.14
C ASN A 202 1.11 20.97 -5.66
N ILE A 203 2.17 21.54 -6.18
CA ILE A 203 3.46 21.59 -5.49
C ILE A 203 3.43 22.83 -4.59
N ILE A 204 3.71 22.63 -3.30
CA ILE A 204 3.53 23.71 -2.31
C ILE A 204 4.83 24.00 -1.56
N PRO A 205 5.47 25.14 -1.81
CA PRO A 205 6.66 25.51 -1.02
C PRO A 205 6.26 25.66 0.44
N SER A 206 7.16 25.25 1.32
CA SER A 206 6.82 25.22 2.73
C SER A 206 8.12 25.31 3.52
N SER A 207 8.01 25.70 4.77
CA SER A 207 9.23 25.74 5.58
C SER A 207 9.42 24.39 6.28
N THR A 208 10.66 24.10 6.71
N THR A 208 10.68 24.14 6.61
CA THR A 208 10.99 22.76 7.23
CA THR A 208 11.10 23.14 7.57
C THR A 208 11.31 22.78 8.73
C THR A 208 12.15 23.82 8.43
N GLY A 209 10.78 21.79 9.45
N GLY A 209 12.05 23.63 9.75
CA GLY A 209 11.14 21.61 10.85
CA GLY A 209 13.11 24.02 10.65
C GLY A 209 12.59 21.22 11.07
C GLY A 209 14.12 22.90 10.82
N ALA A 210 13.24 20.66 10.04
N ALA A 210 13.95 21.81 10.06
CA ALA A 210 14.63 20.25 10.14
CA ALA A 210 14.66 20.56 10.35
C ALA A 210 15.63 21.38 9.91
C ALA A 210 16.15 20.72 10.18
N ALA A 211 15.18 22.56 9.47
N ALA A 211 16.59 21.47 9.17
CA ALA A 211 16.13 23.64 9.23
CA ALA A 211 18.02 21.63 8.96
C ALA A 211 16.65 24.21 10.55
C ALA A 211 18.66 22.41 10.10
N LYS A 212 15.81 24.19 11.59
N LYS A 212 17.96 23.44 10.60
CA LYS A 212 16.13 24.75 12.89
CA LYS A 212 18.39 24.13 11.81
C LYS A 212 16.80 23.76 13.85
C LYS A 212 18.42 23.18 13.01
N ALA A 213 17.26 22.60 13.37
CA ALA A 213 17.24 21.48 14.31
C ALA A 213 18.39 20.49 14.18
N VAL A 214 18.89 20.27 12.96
CA VAL A 214 20.10 19.46 12.85
C VAL A 214 21.20 20.12 13.66
N GLY A 215 21.23 21.46 13.67
CA GLY A 215 22.21 22.17 14.48
C GLY A 215 22.05 21.89 15.96
N LYS A 216 20.84 21.57 16.42
CA LYS A 216 20.68 21.25 17.83
C LYS A 216 21.16 19.84 18.14
N VAL A 217 20.93 18.86 17.26
CA VAL A 217 21.40 17.51 17.56
C VAL A 217 22.83 17.29 17.09
N LEU A 218 23.34 18.10 16.16
CA LEU A 218 24.74 18.04 15.75
C LEU A 218 25.28 19.46 15.86
N PRO A 219 25.67 19.89 17.06
CA PRO A 219 26.08 21.28 17.26
C PRO A 219 27.22 21.70 16.36
N GLU A 220 28.13 20.78 16.01
CA GLU A 220 29.21 21.14 15.10
C GLU A 220 28.68 21.61 13.75
N LEU A 221 27.41 21.36 13.42
CA LEU A 221 26.85 21.84 12.16
C LEU A 221 25.95 23.03 12.34
N ASN A 222 25.86 23.58 13.55
CA ASN A 222 24.95 24.69 13.75
C ASN A 222 25.39 25.88 12.93
N GLY A 223 24.45 26.51 12.25
CA GLY A 223 24.77 27.60 11.35
C GLY A 223 25.26 27.17 9.98
N LYS A 224 25.49 25.90 9.76
CA LYS A 224 26.08 25.48 8.50
C LYS A 224 25.06 24.92 7.51
N LEU A 225 23.81 24.67 7.92
CA LEU A 225 22.78 24.06 7.07
C LEU A 225 21.47 24.77 7.30
N THR A 226 20.74 25.03 6.23
CA THR A 226 19.32 25.33 6.34
C THR A 226 18.65 24.75 5.10
N GLY A 227 17.34 24.97 4.97
CA GLY A 227 16.64 24.41 3.82
C GLY A 227 15.17 24.76 3.86
N MET A 228 14.43 24.12 2.96
CA MET A 228 12.99 24.32 2.84
C MET A 228 12.36 23.03 2.31
N ALA A 229 11.05 23.05 2.10
CA ALA A 229 10.29 21.89 1.66
C ALA A 229 9.41 22.24 0.47
N PHE A 230 9.13 21.22 -0.37
CA PHE A 230 8.03 21.23 -1.31
C PHE A 230 7.10 20.08 -0.94
N ARG A 231 5.86 20.41 -0.55
CA ARG A 231 4.80 19.42 -0.37
C ARG A 231 4.21 19.04 -1.72
N VAL A 232 4.10 17.73 -1.98
CA VAL A 232 3.58 17.25 -3.26
C VAL A 232 2.47 16.22 -3.04
N PRO A 233 1.68 15.89 -4.06
CA PRO A 233 0.47 15.02 -3.89
C PRO A 233 0.79 13.52 -3.82
N THR A 234 1.57 13.10 -2.85
CA THR A 234 1.65 11.69 -2.49
C THR A 234 1.22 11.57 -1.03
N PRO A 235 0.72 10.41 -0.60
CA PRO A 235 0.19 10.30 0.76
C PRO A 235 1.22 9.96 1.82
N ASN A 236 2.42 9.51 1.45
CA ASN A 236 3.43 9.12 2.42
C ASN A 236 4.74 8.89 1.67
N VAL A 237 5.84 8.98 2.42
CA VAL A 237 7.23 8.82 1.97
C VAL A 237 7.73 10.14 1.41
N SER A 238 8.89 10.57 1.87
CA SER A 238 9.48 11.84 1.48
C SER A 238 10.94 11.62 1.14
N VAL A 239 11.61 12.64 0.59
CA VAL A 239 12.99 12.49 0.17
C VAL A 239 13.76 13.78 0.44
N VAL A 240 14.97 13.63 1.05
CA VAL A 240 15.86 14.76 1.28
C VAL A 240 16.83 14.85 0.11
N ASP A 241 17.03 16.09 -0.34
CA ASP A 241 17.94 16.49 -1.42
C ASP A 241 18.92 17.49 -0.78
N LEU A 242 20.14 17.03 -0.50
CA LEU A 242 21.11 17.76 0.30
C LEU A 242 22.30 18.18 -0.56
N THR A 243 22.48 19.48 -0.73
CA THR A 243 23.57 20.01 -1.54
C THR A 243 24.65 20.56 -0.59
N VAL A 244 25.84 19.97 -0.61
CA VAL A 244 26.87 20.36 0.36
C VAL A 244 28.16 20.71 -0.37
N ARG A 245 28.87 21.66 0.20
CA ARG A 245 30.25 21.92 -0.16
C ARG A 245 31.17 21.28 0.88
N LEU A 246 32.15 20.52 0.41
CA LEU A 246 32.99 19.69 1.28
C LEU A 246 34.38 20.27 1.51
N GLU A 247 34.87 20.07 2.72
CA GLU A 247 36.22 20.49 3.04
C GLU A 247 37.25 19.57 2.39
N LYS A 248 37.14 18.25 2.60
CA LYS A 248 38.05 17.29 1.98
C LYS A 248 37.48 16.82 0.65
N ALA A 249 38.30 16.84 -0.40
CA ALA A 249 37.84 16.37 -1.70
C ALA A 249 37.45 14.90 -1.61
N ALA A 250 36.34 14.54 -2.27
CA ALA A 250 35.87 13.17 -2.30
C ALA A 250 35.15 12.92 -3.60
N THR A 251 35.53 11.86 -4.31
CA THR A 251 34.78 11.44 -5.48
C THR A 251 33.43 10.89 -5.03
N TYR A 252 32.51 10.81 -5.99
CA TYR A 252 31.21 10.24 -5.65
C TYR A 252 31.34 8.81 -5.16
N GLU A 253 32.27 8.03 -5.77
CA GLU A 253 32.49 6.64 -5.34
C GLU A 253 33.01 6.58 -3.91
N GLN A 254 33.83 7.54 -3.49
CA GLN A 254 34.30 7.56 -2.11
C GLN A 254 33.18 7.94 -1.15
N ILE A 255 32.34 8.90 -1.54
CA ILE A 255 31.18 9.22 -0.72
C ILE A 255 30.28 8.00 -0.57
N LYS A 256 29.99 7.32 -1.68
CA LYS A 256 29.19 6.09 -1.62
C LYS A 256 29.80 5.08 -0.65
N ALA A 257 31.13 4.84 -0.79
CA ALA A 257 31.80 3.87 0.08
C ALA A 257 31.62 4.22 1.55
N ALA A 258 31.72 5.52 1.88
CA ALA A 258 31.57 5.95 3.28
C ALA A 258 30.14 5.75 3.78
N VAL A 259 29.14 6.08 2.95
CA VAL A 259 27.76 5.93 3.42
C VAL A 259 27.42 4.46 3.57
N LYS A 260 27.81 3.65 2.59
CA LYS A 260 27.59 2.21 2.66
C LYS A 260 28.20 1.63 3.92
N ALA A 261 29.44 2.05 4.24
CA ALA A 261 30.13 1.55 5.43
C ALA A 261 29.36 1.86 6.71
N ALA A 262 28.83 3.09 6.82
CA ALA A 262 28.02 3.45 7.99
C ALA A 262 26.72 2.66 8.03
N ALA A 263 26.09 2.47 6.86
CA ALA A 263 24.82 1.77 6.79
C ALA A 263 24.97 0.31 7.17
N GLU A 264 26.13 -0.28 6.84
CA GLU A 264 26.39 -1.68 7.15
C GLU A 264 26.98 -1.88 8.53
N GLY A 265 27.44 -0.81 9.18
CA GLY A 265 28.10 -0.93 10.48
C GLY A 265 27.43 -0.11 11.57
N GLU A 266 28.07 0.99 11.97
CA GLU A 266 27.63 1.74 13.14
C GLU A 266 26.16 2.18 13.04
N MET A 267 25.72 2.61 11.86
CA MET A 267 24.37 3.15 11.71
C MET A 267 23.39 2.15 11.13
N LYS A 268 23.71 0.86 11.20
CA LYS A 268 22.80 -0.15 10.67
C LYS A 268 21.41 -0.02 11.29
N GLY A 269 20.37 -0.10 10.47
CA GLY A 269 19.01 0.07 10.94
C GLY A 269 18.54 1.49 11.05
N VAL A 270 19.45 2.46 10.93
CA VAL A 270 19.12 3.88 10.89
C VAL A 270 19.35 4.44 9.49
N LEU A 271 20.57 4.38 9.02
CA LEU A 271 20.93 4.76 7.67
C LEU A 271 20.91 3.51 6.82
N GLY A 272 20.26 3.60 5.66
CA GLY A 272 20.23 2.52 4.70
C GLY A 272 20.97 2.98 3.46
N TYR A 273 21.23 2.04 2.57
CA TYR A 273 22.01 2.30 1.36
C TYR A 273 21.43 1.46 0.24
N THR A 274 21.14 2.08 -0.90
CA THR A 274 20.68 1.31 -2.05
C THR A 274 21.31 1.85 -3.32
N GLU A 275 21.51 0.94 -4.28
CA GLU A 275 21.87 1.31 -5.65
C GLU A 275 20.78 0.89 -6.63
N ASP A 276 19.59 0.55 -6.16
CA ASP A 276 18.52 0.11 -7.03
C ASP A 276 17.77 1.31 -7.63
N ASP A 277 16.93 1.05 -8.63
CA ASP A 277 16.14 2.09 -9.29
C ASP A 277 14.84 2.33 -8.52
N VAL A 278 14.98 2.86 -7.30
CA VAL A 278 13.84 2.94 -6.39
C VAL A 278 13.03 4.21 -6.67
N VAL A 279 11.76 4.18 -6.24
CA VAL A 279 10.87 5.34 -6.21
C VAL A 279 10.20 5.38 -4.82
N SER A 280 9.43 6.44 -4.55
CA SER A 280 8.98 6.68 -3.17
C SER A 280 8.19 5.48 -2.60
N THR A 281 7.28 4.85 -3.38
CA THR A 281 6.51 3.75 -2.80
C THR A 281 7.38 2.58 -2.36
N ASP A 282 8.61 2.48 -2.86
CA ASP A 282 9.49 1.41 -2.40
C ASP A 282 9.91 1.57 -0.94
N PHE A 283 9.60 2.71 -0.31
CA PHE A 283 9.93 2.92 1.09
C PHE A 283 8.70 3.05 1.97
N ASN A 284 7.50 2.83 1.42
CA ASN A 284 6.30 2.84 2.23
C ASN A 284 6.38 1.66 3.18
N GLY A 285 6.49 1.92 4.49
CA GLY A 285 6.76 0.87 5.45
C GLY A 285 8.22 0.74 5.86
N GLU A 286 9.12 1.54 5.31
CA GLU A 286 10.54 1.42 5.60
C GLU A 286 10.86 1.89 7.03
N VAL A 287 11.61 1.08 7.77
CA VAL A 287 11.97 1.41 9.15
C VAL A 287 13.21 2.30 9.28
N CYS A 288 14.19 2.16 8.36
CA CYS A 288 15.35 3.05 8.36
C CYS A 288 14.89 4.50 8.22
N THR A 289 15.54 5.42 8.92
CA THR A 289 15.09 6.81 8.86
C THR A 289 15.79 7.61 7.76
N SER A 290 16.75 7.00 7.07
CA SER A 290 17.50 7.73 6.04
C SER A 290 18.08 6.68 5.08
N VAL A 291 17.46 6.52 3.91
CA VAL A 291 17.96 5.53 2.95
C VAL A 291 18.63 6.27 1.81
N PHE A 292 19.96 6.20 1.77
CA PHE A 292 20.77 6.87 0.76
C PHE A 292 20.55 6.23 -0.61
N ASP A 293 20.26 7.07 -1.59
CA ASP A 293 19.96 6.65 -2.96
C ASP A 293 21.20 6.95 -3.80
N ALA A 294 22.04 5.93 -4.00
CA ALA A 294 23.33 6.17 -4.62
C ALA A 294 23.18 6.69 -6.05
N LYS A 295 22.25 6.10 -6.82
CA LYS A 295 22.12 6.44 -8.22
C LYS A 295 21.43 7.78 -8.45
N ALA A 296 20.64 8.26 -7.49
CA ALA A 296 19.92 9.51 -7.71
C ALA A 296 20.81 10.72 -7.51
N GLY A 297 21.83 10.59 -6.66
CA GLY A 297 22.71 11.71 -6.38
C GLY A 297 23.62 12.05 -7.52
N ILE A 298 24.24 13.23 -7.43
CA ILE A 298 25.11 13.73 -8.50
C ILE A 298 26.19 14.62 -7.90
N ALA A 299 27.40 14.50 -8.41
CA ALA A 299 28.50 15.37 -8.01
C ALA A 299 28.81 16.31 -9.15
N LEU A 300 28.92 17.61 -8.83
CA LEU A 300 29.49 18.52 -9.82
C LEU A 300 31.02 18.41 -9.83
N ASN A 301 31.63 18.29 -8.65
CA ASN A 301 33.08 18.10 -8.55
C ASN A 301 33.36 17.47 -7.19
N ASP A 302 34.64 17.32 -6.89
CA ASP A 302 35.03 16.61 -5.67
C ASP A 302 34.72 17.39 -4.40
N ASN A 303 34.30 18.66 -4.48
CA ASN A 303 33.94 19.42 -3.29
C ASN A 303 32.51 19.99 -3.32
N PHE A 304 31.66 19.57 -4.26
CA PHE A 304 30.31 20.14 -4.40
C PHE A 304 29.37 19.08 -4.94
N VAL A 305 28.43 18.60 -4.11
CA VAL A 305 27.71 17.37 -4.42
C VAL A 305 26.28 17.48 -3.89
N LYS A 306 25.35 16.78 -4.58
CA LYS A 306 23.93 16.69 -4.21
C LYS A 306 23.62 15.24 -3.83
N LEU A 307 23.21 15.05 -2.59
CA LEU A 307 22.96 13.72 -2.05
C LEU A 307 21.48 13.56 -1.79
N VAL A 308 20.98 12.35 -2.01
CA VAL A 308 19.55 12.05 -2.00
C VAL A 308 19.30 10.94 -0.99
N SER A 309 18.37 11.17 -0.07
CA SER A 309 18.03 10.15 0.91
C SER A 309 16.53 10.12 1.18
N TRP A 310 15.99 8.89 1.19
CA TRP A 310 14.56 8.65 1.36
C TRP A 310 14.16 8.43 2.80
N TYR A 311 12.92 8.78 3.13
CA TYR A 311 12.36 8.39 4.42
C TYR A 311 10.85 8.25 4.36
N ASP A 312 10.33 7.18 4.97
CA ASP A 312 8.91 7.04 5.28
C ASP A 312 8.68 7.92 6.50
N ASN A 313 8.06 9.08 6.27
CA ASN A 313 7.91 10.06 7.34
C ASN A 313 7.00 9.58 8.45
N GLU A 314 6.22 8.51 8.24
CA GLU A 314 5.40 7.94 9.32
C GLU A 314 6.11 6.78 10.01
N THR A 315 6.59 5.80 9.23
CA THR A 315 7.07 4.55 9.81
C THR A 315 8.47 4.70 10.43
N GLY A 316 9.41 5.35 9.72
CA GLY A 316 10.76 5.51 10.27
C GLY A 316 10.72 6.29 11.57
N TYR A 317 10.10 7.46 11.54
CA TYR A 317 9.98 8.28 12.74
C TYR A 317 9.35 7.49 13.87
N SER A 318 8.23 6.82 13.60
CA SER A 318 7.53 6.09 14.66
C SER A 318 8.39 4.99 15.26
N ASN A 319 9.13 4.28 14.42
CA ASN A 319 10.03 3.26 14.95
C ASN A 319 11.11 3.88 15.82
N LYS A 320 11.61 5.06 15.44
CA LYS A 320 12.67 5.67 16.24
C LYS A 320 12.15 6.31 17.52
N VAL A 321 10.86 6.69 17.56
CA VAL A 321 10.24 7.08 18.83
C VAL A 321 10.37 5.92 19.82
N LEU A 322 10.08 4.70 19.36
CA LEU A 322 10.21 3.50 20.18
C LEU A 322 11.67 3.23 20.55
N ASP A 323 12.59 3.45 19.61
CA ASP A 323 14.01 3.32 19.94
C ASP A 323 14.42 4.31 21.06
N LEU A 324 13.91 5.54 21.00
CA LEU A 324 14.26 6.50 22.05
C LEU A 324 13.66 6.10 23.39
N ILE A 325 12.43 5.57 23.39
CA ILE A 325 11.81 5.04 24.60
C ILE A 325 12.68 3.94 25.21
N ALA A 326 13.15 3.01 24.37
CA ALA A 326 14.02 1.96 24.87
C ALA A 326 15.33 2.55 25.37
N HIS A 327 15.87 3.51 24.63
CA HIS A 327 17.15 4.09 24.97
C HIS A 327 17.10 4.77 26.33
N ILE A 328 16.05 5.58 26.59
CA ILE A 328 16.00 6.28 27.87
C ILE A 328 15.58 5.37 29.01
N SER A 329 15.20 4.13 28.72
CA SER A 329 14.84 3.19 29.77
C SER A 329 15.98 2.23 30.11
N LYS A 330 17.04 2.19 29.31
CA LYS A 330 18.24 1.41 29.60
C LYS A 330 19.08 2.02 30.73
N THR B 1 1.97 -31.21 -7.94
CA THR B 1 2.12 -29.78 -8.21
C THR B 1 1.94 -29.49 -9.70
N ILE B 2 1.08 -28.51 -10.00
CA ILE B 2 0.86 -28.07 -11.38
C ILE B 2 1.94 -27.08 -11.77
N LYS B 3 2.65 -27.34 -12.86
CA LYS B 3 3.68 -26.44 -13.38
C LYS B 3 3.06 -25.46 -14.36
N VAL B 4 3.32 -24.17 -14.15
CA VAL B 4 2.66 -23.11 -14.91
C VAL B 4 3.71 -22.25 -15.60
N GLY B 5 3.45 -21.91 -16.86
CA GLY B 5 4.23 -20.92 -17.59
C GLY B 5 3.38 -19.66 -17.73
N ILE B 6 4.00 -18.49 -17.56
CA ILE B 6 3.30 -17.22 -17.71
C ILE B 6 3.76 -16.59 -19.01
N ASN B 7 2.81 -16.26 -19.88
CA ASN B 7 3.11 -15.49 -21.08
C ASN B 7 2.58 -14.07 -20.85
N GLY B 8 3.51 -13.11 -20.75
CA GLY B 8 3.15 -11.73 -20.47
C GLY B 8 3.42 -11.35 -19.02
N PHE B 9 4.34 -10.40 -18.79
CA PHE B 9 4.71 -10.01 -17.43
C PHE B 9 4.23 -8.59 -17.13
N GLY B 10 2.97 -8.29 -17.48
CA GLY B 10 2.29 -7.06 -17.12
C GLY B 10 1.69 -7.19 -15.74
N ARG B 11 0.76 -6.28 -15.42
CA ARG B 11 0.22 -6.29 -14.05
C ARG B 11 -0.30 -7.67 -13.66
N ILE B 12 -1.15 -8.27 -14.51
CA ILE B 12 -1.76 -9.56 -14.16
C ILE B 12 -0.71 -10.65 -14.09
N GLY B 13 0.17 -10.76 -15.10
CA GLY B 13 1.25 -11.73 -15.03
C GLY B 13 2.08 -11.63 -13.76
N ARG B 14 2.44 -10.41 -13.35
CA ARG B 14 3.26 -10.28 -12.14
C ARG B 14 2.45 -10.54 -10.86
N ILE B 15 1.16 -10.18 -10.85
CA ILE B 15 0.43 -10.45 -9.62
C ILE B 15 0.04 -11.93 -9.55
N VAL B 16 -0.17 -12.57 -10.71
CA VAL B 16 -0.36 -14.01 -10.73
C VAL B 16 0.90 -14.70 -10.23
N PHE B 17 2.07 -14.17 -10.61
CA PHE B 17 3.31 -14.76 -10.12
C PHE B 17 3.40 -14.65 -8.61
N ARG B 18 3.10 -13.47 -8.05
CA ARG B 18 3.19 -13.31 -6.60
C ARG B 18 2.18 -14.22 -5.89
N ALA B 19 0.95 -14.27 -6.41
CA ALA B 19 -0.08 -15.08 -5.77
C ALA B 19 0.32 -16.57 -5.78
N ALA B 20 0.98 -17.01 -6.85
CA ALA B 20 1.40 -18.40 -6.94
C ALA B 20 2.44 -18.77 -5.89
N GLN B 21 3.25 -17.79 -5.44
CA GLN B 21 4.27 -18.09 -4.42
C GLN B 21 3.62 -18.55 -3.13
N LYS B 22 2.40 -18.11 -2.88
CA LYS B 22 1.69 -18.43 -1.65
C LYS B 22 0.87 -19.71 -1.75
N ARG B 23 0.97 -20.44 -2.86
CA ARG B 23 0.16 -21.63 -3.11
C ARG B 23 1.06 -22.83 -3.34
N SER B 24 0.77 -23.92 -2.65
CA SER B 24 1.57 -25.13 -2.80
C SER B 24 1.15 -25.96 -4.00
N ASP B 25 -0.08 -25.82 -4.49
CA ASP B 25 -0.54 -26.65 -5.59
C ASP B 25 -0.05 -26.18 -6.95
N ILE B 26 0.50 -24.97 -7.06
CA ILE B 26 0.90 -24.41 -8.34
C ILE B 26 2.29 -23.83 -8.22
N GLU B 27 3.12 -24.08 -9.23
CA GLU B 27 4.50 -23.66 -9.27
C GLU B 27 4.76 -22.97 -10.60
N ILE B 28 5.18 -21.71 -10.57
CA ILE B 28 5.60 -21.04 -11.80
C ILE B 28 7.01 -21.52 -12.18
N VAL B 29 7.19 -22.02 -13.40
CA VAL B 29 8.50 -22.52 -13.80
C VAL B 29 9.08 -21.78 -14.97
N ALA B 30 8.36 -20.85 -15.59
CA ALA B 30 8.87 -20.15 -16.76
C ALA B 30 8.05 -18.89 -16.99
N ILE B 31 8.71 -17.82 -17.44
CA ILE B 31 8.04 -16.59 -17.83
C ILE B 31 8.54 -16.17 -19.20
N ASN B 32 7.62 -15.74 -20.06
CA ASN B 32 7.96 -15.23 -21.38
C ASN B 32 7.44 -13.81 -21.54
N ASP B 33 8.34 -12.90 -21.90
CA ASP B 33 7.98 -11.54 -22.31
C ASP B 33 9.18 -10.93 -23.00
N LEU B 34 8.98 -9.80 -23.65
CA LEU B 34 10.07 -9.10 -24.33
C LEU B 34 10.79 -8.16 -23.35
N LEU B 35 11.27 -8.75 -22.27
CA LEU B 35 11.95 -8.02 -21.22
C LEU B 35 13.16 -8.83 -20.78
N ASP B 36 14.28 -8.16 -20.55
CA ASP B 36 15.42 -8.85 -20.00
C ASP B 36 15.08 -9.41 -18.62
N ALA B 37 15.81 -10.45 -18.23
CA ALA B 37 15.58 -11.06 -16.92
C ALA B 37 15.83 -10.05 -15.80
N ASP B 38 16.85 -9.20 -15.94
CA ASP B 38 17.13 -8.28 -14.84
C ASP B 38 16.04 -7.21 -14.72
N TYR B 39 15.42 -6.82 -15.83
CA TYR B 39 14.28 -5.92 -15.74
C TYR B 39 13.06 -6.65 -15.16
N MET B 40 12.83 -7.89 -15.56
CA MET B 40 11.77 -8.68 -14.93
C MET B 40 11.98 -8.77 -13.42
N ALA B 41 13.21 -9.00 -13.01
CA ALA B 41 13.50 -9.12 -11.58
C ALA B 41 13.14 -7.83 -10.85
N TYR B 42 13.50 -6.70 -11.46
CA TYR B 42 13.18 -5.40 -10.90
C TYR B 42 11.67 -5.18 -10.82
N MET B 43 10.93 -5.53 -11.88
CA MET B 43 9.47 -5.36 -11.84
C MET B 43 8.82 -6.24 -10.79
N LEU B 44 9.36 -7.44 -10.59
CA LEU B 44 8.85 -8.32 -9.56
C LEU B 44 9.19 -7.83 -8.16
N LYS B 45 10.42 -7.32 -7.99
CA LYS B 45 10.88 -7.01 -6.64
C LYS B 45 10.17 -5.81 -6.05
N TYR B 46 9.89 -4.79 -6.85
CA TYR B 46 9.29 -3.54 -6.38
C TYR B 46 7.94 -3.33 -7.04
N ASP B 47 6.92 -3.02 -6.23
CA ASP B 47 5.59 -2.80 -6.77
C ASP B 47 4.99 -1.58 -6.08
N SER B 48 4.62 -0.57 -6.86
CA SER B 48 4.08 0.65 -6.27
C SER B 48 2.80 0.37 -5.49
N THR B 49 2.00 -0.61 -5.94
CA THR B 49 0.69 -0.86 -5.35
C THR B 49 0.75 -1.89 -4.24
N HIS B 50 1.51 -2.97 -4.43
CA HIS B 50 1.52 -4.09 -3.50
C HIS B 50 2.80 -4.21 -2.69
N GLY B 51 3.75 -3.27 -2.84
CA GLY B 51 4.93 -3.27 -2.01
C GLY B 51 5.99 -4.24 -2.50
N ARG B 52 7.01 -4.43 -1.67
CA ARG B 52 8.17 -5.22 -2.08
C ARG B 52 7.82 -6.71 -2.09
N PHE B 53 8.43 -7.42 -3.04
CA PHE B 53 8.22 -8.86 -3.14
C PHE B 53 8.62 -9.54 -1.83
N ASP B 54 7.77 -10.46 -1.36
CA ASP B 54 8.03 -11.23 -0.14
C ASP B 54 8.92 -12.43 -0.47
N GLY B 55 10.23 -12.20 -0.53
CA GLY B 55 11.15 -13.27 -0.86
C GLY B 55 12.38 -12.72 -1.56
N THR B 56 13.17 -13.65 -2.11
CA THR B 56 14.44 -13.33 -2.74
C THR B 56 14.32 -13.48 -4.25
N VAL B 57 14.95 -12.56 -4.97
CA VAL B 57 14.93 -12.55 -6.42
C VAL B 57 16.36 -12.39 -6.88
N GLU B 58 16.86 -13.34 -7.66
CA GLU B 58 18.20 -13.23 -8.21
C GLU B 58 18.14 -13.46 -9.72
N VAL B 59 19.03 -12.77 -10.44
CA VAL B 59 19.24 -12.99 -11.87
C VAL B 59 20.55 -13.74 -12.02
N LYS B 60 20.51 -14.83 -12.78
CA LYS B 60 21.67 -15.67 -12.97
C LYS B 60 21.68 -16.13 -14.42
N ASP B 61 22.71 -15.73 -15.17
CA ASP B 61 22.88 -16.19 -16.54
C ASP B 61 21.58 -16.04 -17.35
N GLY B 62 20.93 -14.88 -17.22
CA GLY B 62 19.75 -14.56 -18.01
C GLY B 62 18.43 -15.16 -17.55
N HIS B 63 18.42 -15.92 -16.47
CA HIS B 63 17.20 -16.50 -15.96
C HIS B 63 16.99 -15.97 -14.55
N LEU B 64 15.82 -16.28 -13.99
CA LEU B 64 15.47 -15.85 -12.65
C LEU B 64 15.64 -16.99 -11.65
N ILE B 65 16.06 -16.64 -10.43
CA ILE B 65 16.01 -17.52 -9.29
C ILE B 65 15.19 -16.79 -8.23
N VAL B 66 13.99 -17.30 -7.96
CA VAL B 66 13.07 -16.66 -7.03
C VAL B 66 12.80 -17.62 -5.90
N ASN B 67 13.15 -17.20 -4.68
CA ASN B 67 13.03 -18.07 -3.51
C ASN B 67 13.79 -19.38 -3.73
N GLY B 68 14.99 -19.27 -4.31
CA GLY B 68 15.81 -20.43 -4.59
C GLY B 68 15.43 -21.25 -5.81
N LYS B 69 14.25 -21.04 -6.39
CA LYS B 69 13.79 -21.82 -7.54
C LYS B 69 14.12 -21.15 -8.87
N LYS B 70 14.64 -21.94 -9.81
CA LYS B 70 15.03 -21.42 -11.12
C LYS B 70 13.79 -21.23 -11.98
N ILE B 71 13.71 -20.10 -12.66
CA ILE B 71 12.59 -19.79 -13.55
C ILE B 71 13.16 -19.44 -14.91
N ARG B 72 12.73 -20.19 -15.92
CA ARG B 72 13.24 -19.97 -17.27
C ARG B 72 12.60 -18.72 -17.86
N VAL B 73 13.46 -17.81 -18.33
CA VAL B 73 13.08 -16.56 -18.95
C VAL B 73 13.30 -16.70 -20.44
N THR B 74 12.29 -16.35 -21.24
CA THR B 74 12.39 -16.35 -22.69
C THR B 74 11.77 -15.07 -23.21
N ALA B 75 12.02 -14.81 -24.49
CA ALA B 75 11.54 -13.60 -25.12
C ALA B 75 11.06 -13.90 -26.53
N GLU B 76 10.17 -14.90 -26.65
CA GLU B 76 9.59 -15.28 -27.95
C GLU B 76 8.37 -14.45 -28.24
N ARG B 77 8.32 -13.84 -29.43
CA ARG B 77 7.12 -13.14 -29.85
C ARG B 77 6.05 -14.12 -30.32
N ASP B 78 6.45 -15.28 -30.84
CA ASP B 78 5.54 -16.29 -31.36
C ASP B 78 5.39 -17.41 -30.36
N PRO B 79 4.23 -17.58 -29.73
CA PRO B 79 4.09 -18.63 -28.71
C PRO B 79 4.40 -20.03 -29.20
N ALA B 80 4.33 -20.29 -30.51
CA ALA B 80 4.65 -21.63 -31.01
C ALA B 80 6.12 -21.99 -30.79
N ASN B 81 6.99 -21.01 -30.57
CA ASN B 81 8.41 -21.29 -30.32
C ASN B 81 8.75 -21.45 -28.86
N LEU B 82 7.74 -21.52 -27.97
CA LEU B 82 8.02 -21.37 -26.55
C LEU B 82 8.60 -22.61 -25.88
N LYS B 83 8.48 -23.78 -26.51
CA LYS B 83 9.09 -25.01 -25.98
C LYS B 83 8.67 -25.26 -24.53
N TRP B 84 7.36 -25.10 -24.27
CA TRP B 84 6.87 -25.26 -22.91
C TRP B 84 7.17 -26.65 -22.35
N ASP B 85 7.21 -27.67 -23.22
CA ASP B 85 7.47 -29.04 -22.78
C ASP B 85 8.86 -29.19 -22.19
N GLU B 86 9.81 -28.35 -22.60
CA GLU B 86 11.17 -28.47 -22.08
C GLU B 86 11.26 -28.11 -20.61
N VAL B 87 10.30 -27.38 -20.05
CA VAL B 87 10.26 -27.13 -18.62
C VAL B 87 9.08 -27.84 -17.97
N GLY B 88 8.41 -28.71 -18.71
CA GLY B 88 7.33 -29.49 -18.14
C GLY B 88 6.09 -28.70 -17.80
N VAL B 89 5.80 -27.64 -18.56
CA VAL B 89 4.65 -26.79 -18.23
C VAL B 89 3.35 -27.56 -18.47
N ASP B 90 2.49 -27.60 -17.45
CA ASP B 90 1.15 -28.15 -17.61
C ASP B 90 0.19 -27.13 -18.22
N VAL B 91 0.09 -25.95 -17.59
CA VAL B 91 -0.87 -24.93 -18.00
C VAL B 91 -0.15 -23.62 -18.22
N VAL B 92 -0.59 -22.90 -19.27
CA VAL B 92 -0.08 -21.57 -19.59
C VAL B 92 -1.09 -20.54 -19.12
N ALA B 93 -0.63 -19.58 -18.32
CA ALA B 93 -1.42 -18.37 -18.04
C ALA B 93 -1.12 -17.38 -19.15
N GLU B 94 -2.09 -17.18 -20.05
CA GLU B 94 -1.90 -16.38 -21.24
C GLU B 94 -2.30 -14.95 -20.89
N ALA B 95 -1.32 -14.12 -20.59
CA ALA B 95 -1.57 -12.83 -19.96
C ALA B 95 -1.03 -11.67 -20.78
N THR B 96 -0.86 -11.85 -22.09
CA THR B 96 -0.40 -10.75 -22.92
C THR B 96 -1.52 -9.88 -23.45
N GLY B 97 -2.76 -10.36 -23.38
CA GLY B 97 -3.84 -9.70 -24.06
C GLY B 97 -3.82 -9.87 -25.57
N LEU B 98 -2.88 -10.62 -26.12
CA LEU B 98 -2.69 -10.71 -27.56
C LEU B 98 -3.25 -11.99 -28.18
N PHE B 99 -3.59 -13.00 -27.40
CA PHE B 99 -3.90 -14.32 -27.93
C PHE B 99 -5.20 -14.78 -27.29
N LEU B 100 -6.29 -14.08 -27.61
CA LEU B 100 -7.58 -14.29 -26.97
C LEU B 100 -8.56 -15.03 -27.87
N THR B 101 -8.05 -15.81 -28.81
CA THR B 101 -8.89 -16.68 -29.62
C THR B 101 -8.31 -18.07 -29.57
N ASP B 102 -9.12 -19.05 -29.95
CA ASP B 102 -8.63 -20.42 -29.93
C ASP B 102 -7.41 -20.59 -30.84
N GLU B 103 -7.45 -20.01 -32.05
CA GLU B 103 -6.36 -20.18 -33.01
C GLU B 103 -5.03 -19.63 -32.48
N THR B 104 -5.06 -18.46 -31.83
CA THR B 104 -3.80 -17.89 -31.34
C THR B 104 -3.35 -18.59 -30.06
N ALA B 105 -4.27 -18.78 -29.10
CA ALA B 105 -3.89 -19.40 -27.83
C ALA B 105 -3.44 -20.84 -28.01
N ARG B 106 -3.95 -21.53 -29.04
CA ARG B 106 -3.61 -22.94 -29.22
C ARG B 106 -2.13 -23.15 -29.57
N LYS B 107 -1.42 -22.10 -30.03
CA LYS B 107 0.02 -22.20 -30.27
C LYS B 107 0.80 -22.65 -29.04
N HIS B 108 0.31 -22.31 -27.84
CA HIS B 108 0.95 -22.78 -26.61
C HIS B 108 0.90 -24.29 -26.50
N ILE B 109 -0.20 -24.88 -26.98
CA ILE B 109 -0.36 -26.33 -26.94
C ILE B 109 0.51 -26.99 -28.01
N THR B 110 0.60 -26.35 -29.17
CA THR B 110 1.61 -26.75 -30.15
C THR B 110 3.01 -26.64 -29.57
N ALA B 111 3.23 -25.69 -28.68
CA ALA B 111 4.54 -25.58 -28.04
C ALA B 111 4.71 -26.54 -26.89
N GLY B 112 3.73 -27.38 -26.58
CA GLY B 112 3.94 -28.44 -25.62
C GLY B 112 3.18 -28.32 -24.32
N ALA B 113 2.45 -27.24 -24.10
CA ALA B 113 1.60 -27.14 -22.92
C ALA B 113 0.35 -28.01 -23.11
N LYS B 114 -0.27 -28.38 -21.99
CA LYS B 114 -1.50 -29.15 -22.10
C LYS B 114 -2.76 -28.30 -22.15
N LYS B 115 -2.80 -27.18 -21.43
CA LYS B 115 -3.99 -26.34 -21.37
C LYS B 115 -3.57 -24.88 -21.26
N VAL B 116 -4.49 -23.98 -21.59
CA VAL B 116 -4.25 -22.54 -21.60
C VAL B 116 -5.39 -21.86 -20.85
N VAL B 117 -5.05 -20.95 -19.94
CA VAL B 117 -6.02 -20.06 -19.31
C VAL B 117 -5.75 -18.66 -19.81
N MET B 118 -6.70 -18.08 -20.53
CA MET B 118 -6.59 -16.67 -20.91
C MET B 118 -6.97 -15.78 -19.72
N THR B 119 -6.12 -14.81 -19.41
CA THR B 119 -6.40 -13.86 -18.32
C THR B 119 -7.16 -12.65 -18.81
N GLY B 120 -8.17 -12.89 -19.65
CA GLY B 120 -9.10 -11.87 -20.07
C GLY B 120 -10.20 -12.54 -20.88
N PRO B 121 -11.28 -11.82 -21.18
CA PRO B 121 -12.38 -12.42 -21.94
C PRO B 121 -11.92 -12.82 -23.33
N SER B 122 -12.36 -14.00 -23.77
CA SER B 122 -12.00 -14.48 -25.09
C SER B 122 -12.65 -13.61 -26.16
N LYS B 123 -11.99 -13.50 -27.30
CA LYS B 123 -12.62 -12.77 -28.41
C LYS B 123 -13.38 -13.68 -29.39
N ASP B 124 -13.27 -15.01 -29.27
CA ASP B 124 -14.13 -15.91 -30.03
C ASP B 124 -15.04 -16.64 -29.03
N ASN B 125 -15.40 -17.89 -29.33
CA ASN B 125 -16.32 -18.64 -28.47
CA ASN B 125 -16.32 -18.64 -28.47
C ASN B 125 -15.60 -19.49 -27.43
N THR B 126 -14.29 -19.26 -27.22
CA THR B 126 -13.60 -19.92 -26.12
C THR B 126 -14.40 -19.74 -24.83
N PRO B 127 -14.70 -20.81 -24.10
CA PRO B 127 -15.58 -20.70 -22.92
C PRO B 127 -14.95 -19.89 -21.78
N MET B 128 -15.78 -19.09 -21.12
CA MET B 128 -15.36 -18.29 -19.98
C MET B 128 -15.89 -18.89 -18.70
N PHE B 129 -15.08 -18.83 -17.64
CA PHE B 129 -15.42 -19.38 -16.33
C PHE B 129 -15.15 -18.36 -15.25
N VAL B 130 -16.08 -18.24 -14.30
CA VAL B 130 -15.97 -17.33 -13.17
C VAL B 130 -16.27 -18.15 -11.92
N LYS B 131 -15.34 -18.18 -10.98
CA LYS B 131 -15.54 -18.95 -9.76
C LYS B 131 -16.73 -18.40 -8.98
N GLY B 132 -17.56 -19.30 -8.47
CA GLY B 132 -18.78 -18.89 -7.84
C GLY B 132 -19.91 -18.65 -8.80
N ALA B 133 -19.69 -18.74 -10.11
CA ALA B 133 -20.77 -18.66 -11.08
C ALA B 133 -20.89 -19.95 -11.87
N ASN B 134 -19.80 -20.44 -12.48
CA ASN B 134 -19.95 -21.58 -13.37
C ASN B 134 -18.70 -22.45 -13.49
N PHE B 135 -17.80 -22.46 -12.50
CA PHE B 135 -16.69 -23.41 -12.54
C PHE B 135 -17.23 -24.83 -12.70
N ASP B 136 -18.38 -25.13 -12.09
CA ASP B 136 -18.90 -26.50 -12.17
C ASP B 136 -19.36 -26.90 -13.57
N LYS B 137 -19.49 -25.98 -14.52
CA LYS B 137 -19.84 -26.35 -15.89
C LYS B 137 -18.64 -26.74 -16.73
N TYR B 138 -17.43 -26.56 -16.21
CA TYR B 138 -16.23 -26.86 -16.97
C TYR B 138 -16.20 -28.32 -17.38
N ALA B 139 -15.86 -28.58 -18.64
CA ALA B 139 -16.07 -29.90 -19.22
C ALA B 139 -14.82 -30.40 -19.93
N GLY B 140 -13.63 -30.08 -19.38
CA GLY B 140 -12.41 -30.66 -19.92
C GLY B 140 -11.80 -29.90 -21.06
N GLN B 141 -12.32 -28.74 -21.43
CA GLN B 141 -11.76 -27.99 -22.55
C GLN B 141 -10.30 -27.64 -22.27
N ASP B 142 -9.49 -27.63 -23.33
CA ASP B 142 -8.06 -27.40 -23.13
C ASP B 142 -7.66 -25.94 -23.24
N ILE B 143 -8.55 -25.06 -23.71
CA ILE B 143 -8.32 -23.62 -23.71
C ILE B 143 -9.55 -22.96 -23.10
N VAL B 144 -9.34 -22.11 -22.09
CA VAL B 144 -10.44 -21.42 -21.39
C VAL B 144 -10.02 -20.00 -21.06
N SER B 145 -11.01 -19.20 -20.64
CA SER B 145 -10.80 -17.82 -20.23
C SER B 145 -11.40 -17.59 -18.85
N ASN B 146 -10.69 -16.82 -18.01
CA ASN B 146 -11.20 -16.47 -16.68
C ASN B 146 -12.09 -15.23 -16.70
N ALA B 147 -12.56 -14.82 -17.87
CA ALA B 147 -13.39 -13.59 -18.07
C ALA B 147 -12.56 -12.38 -17.61
N SER B 148 -13.17 -11.41 -16.93
CA SER B 148 -12.54 -10.14 -16.55
C SER B 148 -12.72 -9.91 -15.05
N CYS B 149 -11.88 -9.03 -14.49
CA CYS B 149 -12.03 -8.60 -13.09
C CYS B 149 -13.46 -8.19 -12.75
N THR B 150 -14.05 -7.30 -13.56
CA THR B 150 -15.40 -6.84 -13.23
C THR B 150 -16.41 -7.97 -13.30
N THR B 151 -16.28 -8.87 -14.27
CA THR B 151 -17.23 -9.98 -14.34
C THR B 151 -17.12 -10.85 -13.10
N ASN B 152 -15.89 -11.06 -12.63
CA ASN B 152 -15.66 -11.84 -11.42
C ASN B 152 -16.27 -11.19 -10.19
N CYS B 153 -16.46 -9.88 -10.19
CA CYS B 153 -17.15 -9.22 -9.08
C CYS B 153 -18.66 -9.36 -9.22
N LEU B 154 -19.17 -9.05 -10.41
CA LEU B 154 -20.61 -8.96 -10.60
C LEU B 154 -21.28 -10.33 -10.55
N ALA B 155 -20.71 -11.33 -11.24
CA ALA B 155 -21.43 -12.59 -11.43
C ALA B 155 -21.73 -13.32 -10.12
N PRO B 156 -20.80 -13.47 -9.17
CA PRO B 156 -21.16 -14.14 -7.92
C PRO B 156 -22.24 -13.43 -7.14
N LEU B 157 -22.17 -12.10 -7.07
CA LEU B 157 -23.25 -11.35 -6.43
C LEU B 157 -24.56 -11.52 -7.18
N ALA B 158 -24.53 -11.36 -8.52
CA ALA B 158 -25.77 -11.49 -9.31
C ALA B 158 -26.41 -12.85 -9.11
N LYS B 159 -25.59 -13.90 -9.03
CA LYS B 159 -26.08 -15.25 -8.82
C LYS B 159 -26.81 -15.39 -7.47
N VAL B 160 -26.19 -14.90 -6.39
CA VAL B 160 -26.85 -15.00 -5.08
C VAL B 160 -28.17 -14.27 -5.10
N ILE B 161 -28.18 -13.06 -5.67
CA ILE B 161 -29.40 -12.26 -5.68
C ILE B 161 -30.46 -12.93 -6.55
N ASN B 162 -30.07 -13.41 -7.73
CA ASN B 162 -31.04 -14.02 -8.62
C ASN B 162 -31.59 -15.30 -8.00
N ASP B 163 -30.69 -16.16 -7.50
CA ASP B 163 -31.11 -17.42 -6.91
C ASP B 163 -32.10 -17.21 -5.77
N ASN B 164 -31.92 -16.16 -4.98
CA ASN B 164 -32.79 -15.93 -3.84
C ASN B 164 -34.03 -15.13 -4.17
N PHE B 165 -33.92 -14.11 -5.00
CA PHE B 165 -35.02 -13.19 -5.17
C PHE B 165 -35.47 -13.00 -6.60
N GLY B 166 -34.69 -13.45 -7.58
CA GLY B 166 -35.09 -13.33 -8.96
C GLY B 166 -34.87 -11.93 -9.49
N ILE B 167 -33.85 -11.77 -10.32
CA ILE B 167 -33.55 -10.49 -10.94
C ILE B 167 -34.45 -10.32 -12.16
N ILE B 168 -35.32 -9.31 -12.13
CA ILE B 168 -36.11 -9.01 -13.32
C ILE B 168 -35.22 -8.34 -14.36
N GLU B 169 -34.43 -7.37 -13.91
CA GLU B 169 -33.54 -6.61 -14.77
C GLU B 169 -32.59 -5.83 -13.88
N GLY B 170 -31.42 -5.52 -14.39
CA GLY B 170 -30.45 -4.77 -13.60
C GLY B 170 -29.51 -3.99 -14.48
N LEU B 171 -29.02 -2.89 -13.93
CA LEU B 171 -28.01 -2.07 -14.57
C LEU B 171 -26.90 -1.83 -13.57
N MET B 172 -25.65 -1.89 -14.03
CA MET B 172 -24.53 -1.76 -13.12
C MET B 172 -23.59 -0.66 -13.59
N THR B 173 -22.92 -0.08 -12.62
CA THR B 173 -21.82 0.83 -12.89
C THR B 173 -20.64 0.29 -12.09
N THR B 174 -19.46 0.24 -12.69
CA THR B 174 -18.26 0.03 -11.88
C THR B 174 -17.50 1.34 -11.83
N VAL B 175 -17.23 1.80 -10.61
CA VAL B 175 -16.31 2.90 -10.39
C VAL B 175 -14.93 2.27 -10.28
N HIS B 176 -14.11 2.48 -11.31
CA HIS B 176 -12.98 1.59 -11.59
C HIS B 176 -11.65 2.33 -11.47
N ALA B 177 -10.67 1.66 -10.85
CA ALA B 177 -9.33 2.22 -10.74
C ALA B 177 -8.71 2.45 -12.11
N THR B 178 -7.73 3.36 -12.15
CA THR B 178 -6.90 3.56 -13.33
C THR B 178 -6.13 2.28 -13.68
N THR B 179 -6.04 1.97 -14.97
CA THR B 179 -5.29 0.81 -15.44
C THR B 179 -4.21 1.20 -16.44
N ALA B 180 -3.43 0.20 -16.87
CA ALA B 180 -2.27 0.41 -17.73
C ALA B 180 -2.65 0.91 -19.13
N THR B 181 -3.88 0.71 -19.57
CA THR B 181 -4.18 1.19 -20.91
C THR B 181 -4.47 2.68 -20.94
N GLN B 182 -4.56 3.33 -19.78
CA GLN B 182 -4.81 4.77 -19.74
C GLN B 182 -3.52 5.56 -19.92
N LYS B 183 -3.65 6.90 -19.95
CA LYS B 183 -2.56 7.82 -20.25
C LYS B 183 -2.34 8.77 -19.08
N THR B 184 -1.07 9.15 -18.85
CA THR B 184 -0.77 10.03 -17.71
C THR B 184 -1.22 11.47 -17.96
N VAL B 185 -1.16 11.93 -19.22
CA VAL B 185 -1.68 13.23 -19.65
C VAL B 185 -2.38 12.99 -20.98
N ASP B 186 -3.24 13.94 -21.38
CA ASP B 186 -4.04 13.74 -22.60
C ASP B 186 -3.14 13.24 -23.74
N GLY B 187 -3.45 12.05 -24.27
CA GLY B 187 -2.66 11.48 -25.33
C GLY B 187 -3.44 10.56 -26.25
N PRO B 188 -2.77 9.99 -27.26
CA PRO B 188 -3.51 9.29 -28.33
C PRO B 188 -4.07 7.94 -27.88
N SER B 189 -5.35 7.74 -28.17
CA SER B 189 -6.05 6.53 -27.83
C SER B 189 -7.16 6.40 -28.89
N HIS B 190 -6.76 6.06 -30.12
CA HIS B 190 -7.61 6.35 -31.28
C HIS B 190 -8.84 5.47 -31.36
N LYS B 191 -8.88 4.35 -30.64
CA LYS B 191 -10.09 3.54 -30.61
C LYS B 191 -10.89 3.73 -29.32
N ASP B 192 -10.46 4.64 -28.42
CA ASP B 192 -11.21 4.93 -27.21
C ASP B 192 -10.81 6.35 -26.78
N TRP B 193 -11.49 7.35 -27.34
CA TRP B 193 -11.00 8.72 -27.21
C TRP B 193 -10.98 9.18 -25.75
N ARG B 194 -12.04 8.91 -25.01
CA ARG B 194 -12.09 9.30 -23.60
C ARG B 194 -10.95 8.65 -22.83
N GLY B 195 -10.62 7.42 -23.19
CA GLY B 195 -9.61 6.65 -22.51
C GLY B 195 -8.20 7.19 -22.69
N GLY B 196 -8.01 8.12 -23.63
CA GLY B 196 -6.69 8.75 -23.71
C GLY B 196 -6.52 9.96 -22.83
N ARG B 197 -7.59 10.46 -22.24
CA ARG B 197 -7.51 11.68 -21.45
C ARG B 197 -6.80 11.41 -20.12
N GLY B 198 -6.15 12.44 -19.60
CA GLY B 198 -5.27 12.29 -18.45
C GLY B 198 -5.91 11.55 -17.30
N ALA B 199 -5.32 10.41 -16.88
CA ALA B 199 -6.04 9.54 -15.96
C ALA B 199 -6.17 10.14 -14.57
N SER B 200 -5.14 10.89 -14.11
CA SER B 200 -5.17 11.41 -12.75
C SER B 200 -6.03 12.65 -12.61
N GLN B 201 -6.42 13.28 -13.72
CA GLN B 201 -7.20 14.51 -13.71
C GLN B 201 -8.70 14.32 -13.84
N ASN B 202 -9.15 13.10 -14.21
CA ASN B 202 -10.49 12.94 -14.77
C ASN B 202 -11.26 11.78 -14.14
N ILE B 203 -12.58 11.97 -14.10
CA ILE B 203 -13.55 10.87 -14.14
C ILE B 203 -13.81 10.55 -15.60
N ILE B 204 -13.63 9.30 -15.99
CA ILE B 204 -13.67 8.95 -17.42
C ILE B 204 -14.70 7.87 -17.70
N PRO B 205 -15.82 8.20 -18.35
CA PRO B 205 -16.78 7.14 -18.71
C PRO B 205 -16.14 6.16 -19.66
N SER B 206 -16.54 4.91 -19.53
CA SER B 206 -15.94 3.84 -20.30
C SER B 206 -16.97 2.73 -20.44
N SER B 207 -16.90 2.06 -21.59
N SER B 207 -16.86 1.96 -21.52
CA SER B 207 -17.76 0.92 -21.88
CA SER B 207 -17.67 0.75 -21.61
C SER B 207 -17.22 -0.29 -21.16
C SER B 207 -16.93 -0.40 -20.91
N THR B 208 -18.12 -1.12 -20.65
N THR B 208 -17.67 -1.46 -20.54
CA THR B 208 -17.76 -2.40 -20.09
CA THR B 208 -17.11 -2.48 -19.67
C THR B 208 -18.69 -3.45 -20.71
C THR B 208 -17.27 -3.89 -20.25
N GLY B 209 -18.11 -4.55 -21.18
N GLY B 209 -16.24 -4.72 -20.03
CA GLY B 209 -18.91 -5.68 -21.57
CA GLY B 209 -16.22 -6.10 -20.48
C GLY B 209 -19.22 -6.60 -20.42
C GLY B 209 -17.15 -7.03 -19.72
N ALA B 210 -18.71 -6.28 -19.22
N ALA B 210 -17.67 -6.60 -18.57
CA ALA B 210 -18.67 -7.23 -18.12
CA ALA B 210 -18.58 -7.40 -17.77
C ALA B 210 -20.06 -7.66 -17.68
C ALA B 210 -20.03 -7.35 -18.24
N ALA B 211 -21.00 -6.72 -17.69
N ALA B 211 -20.42 -6.27 -18.92
CA ALA B 211 -22.33 -7.06 -17.20
CA ALA B 211 -21.79 -6.18 -19.43
C ALA B 211 -23.03 -8.02 -18.16
C ALA B 211 -22.07 -7.31 -20.41
N LYS B 212 -22.83 -7.83 -19.46
N LYS B 212 -21.14 -7.53 -21.35
CA LYS B 212 -23.38 -8.75 -20.46
CA LYS B 212 -21.31 -8.51 -22.40
C LYS B 212 -22.71 -10.12 -20.39
C LYS B 212 -21.15 -9.93 -21.87
N ALA B 213 -21.36 -10.19 -20.57
CA ALA B 213 -20.58 -11.35 -20.16
C ALA B 213 -21.08 -12.13 -18.95
N VAL B 214 -21.73 -11.48 -17.99
CA VAL B 214 -22.39 -12.26 -16.95
C VAL B 214 -23.41 -13.21 -17.57
N GLY B 215 -24.04 -12.79 -18.68
CA GLY B 215 -24.97 -13.65 -19.39
C GLY B 215 -24.32 -14.89 -19.95
N LYS B 216 -23.03 -14.83 -20.28
CA LYS B 216 -22.33 -16.02 -20.76
C LYS B 216 -22.03 -16.99 -19.62
N VAL B 217 -21.65 -16.51 -18.44
CA VAL B 217 -21.38 -17.44 -17.35
C VAL B 217 -22.62 -17.71 -16.52
N LEU B 218 -23.64 -16.86 -16.61
CA LEU B 218 -24.92 -17.09 -15.95
C LEU B 218 -26.00 -16.94 -17.02
N PRO B 219 -26.25 -17.99 -17.80
CA PRO B 219 -27.20 -17.86 -18.92
C PRO B 219 -28.60 -17.45 -18.49
N GLU B 220 -29.07 -17.89 -17.32
CA GLU B 220 -30.37 -17.46 -16.80
C GLU B 220 -30.47 -15.93 -16.67
N LEU B 221 -29.36 -15.20 -16.73
CA LEU B 221 -29.39 -13.75 -16.66
C LEU B 221 -29.08 -13.09 -17.99
N ASN B 222 -28.94 -13.88 -19.04
CA ASN B 222 -28.59 -13.31 -20.33
C ASN B 222 -29.68 -12.35 -20.79
N GLY B 223 -29.27 -11.16 -21.24
CA GLY B 223 -30.21 -10.14 -21.61
C GLY B 223 -30.82 -9.35 -20.47
N LYS B 224 -30.53 -9.71 -19.22
CA LYS B 224 -31.14 -9.08 -18.04
C LYS B 224 -30.25 -8.04 -17.38
N LEU B 225 -28.98 -7.95 -17.76
CA LEU B 225 -28.03 -7.05 -17.13
C LEU B 225 -27.14 -6.40 -18.17
N THR B 226 -26.91 -5.11 -18.03
CA THR B 226 -25.79 -4.48 -18.71
C THR B 226 -25.27 -3.35 -17.82
N GLY B 227 -24.31 -2.59 -18.31
CA GLY B 227 -23.79 -1.49 -17.52
C GLY B 227 -22.62 -0.79 -18.19
N MET B 228 -21.98 0.08 -17.43
CA MET B 228 -20.83 0.86 -17.92
C MET B 228 -19.88 1.12 -16.76
N ALA B 229 -18.78 1.84 -17.04
CA ALA B 229 -17.74 2.11 -16.06
C ALA B 229 -17.41 3.60 -16.02
N PHE B 230 -16.92 4.04 -14.86
CA PHE B 230 -16.22 5.32 -14.72
C PHE B 230 -14.83 5.02 -14.20
N ARG B 231 -13.80 5.36 -14.98
CA ARG B 231 -12.42 5.26 -14.52
CA ARG B 231 -12.42 5.25 -14.50
C ARG B 231 -12.09 6.49 -13.67
N VAL B 232 -11.49 6.27 -12.50
CA VAL B 232 -11.19 7.38 -11.60
C VAL B 232 -9.72 7.27 -11.16
N PRO B 233 -9.15 8.37 -10.59
CA PRO B 233 -7.69 8.43 -10.28
C PRO B 233 -7.28 7.72 -8.99
N THR B 234 -7.53 6.44 -8.89
CA THR B 234 -6.91 5.59 -7.87
C THR B 234 -6.14 4.52 -8.62
N PRO B 235 -5.08 3.97 -8.02
CA PRO B 235 -4.22 3.05 -8.75
C PRO B 235 -4.68 1.60 -8.70
N ASN B 236 -5.60 1.25 -7.80
CA ASN B 236 -6.05 -0.12 -7.68
C ASN B 236 -7.31 -0.14 -6.80
N VAL B 237 -8.10 -1.21 -6.97
CA VAL B 237 -9.39 -1.46 -6.30
C VAL B 237 -10.52 -0.70 -6.98
N SER B 238 -11.60 -1.41 -7.26
CA SER B 238 -12.76 -0.88 -7.97
C SER B 238 -14.00 -1.32 -7.22
N VAL B 239 -15.16 -0.77 -7.58
CA VAL B 239 -16.37 -1.09 -6.86
C VAL B 239 -17.53 -1.17 -7.85
N VAL B 240 -18.34 -2.21 -7.71
CA VAL B 240 -19.54 -2.42 -8.51
C VAL B 240 -20.75 -1.84 -7.78
N ASP B 241 -21.58 -1.14 -8.52
CA ASP B 241 -22.81 -0.49 -8.05
C ASP B 241 -23.94 -1.11 -8.88
N LEU B 242 -24.69 -2.03 -8.30
CA LEU B 242 -25.65 -2.85 -9.04
C LEU B 242 -27.08 -2.44 -8.67
N THR B 243 -27.81 -1.94 -9.65
CA THR B 243 -29.20 -1.52 -9.46
C THR B 243 -30.11 -2.59 -10.06
N VAL B 244 -30.87 -3.29 -9.21
CA VAL B 244 -31.68 -4.41 -9.69
C VAL B 244 -33.13 -4.29 -9.22
N ARG B 245 -34.02 -4.77 -10.08
CA ARG B 245 -35.42 -5.02 -9.75
C ARG B 245 -35.58 -6.51 -9.46
N LEU B 246 -36.26 -6.82 -8.35
CA LEU B 246 -36.42 -8.19 -7.85
C LEU B 246 -37.85 -8.69 -8.05
N GLU B 247 -37.97 -9.99 -8.36
CA GLU B 247 -39.28 -10.62 -8.46
C GLU B 247 -39.89 -10.83 -7.07
N LYS B 248 -39.14 -11.45 -6.17
CA LYS B 248 -39.65 -11.66 -4.81
C LYS B 248 -39.26 -10.46 -3.95
N ALA B 249 -40.25 -9.90 -3.24
CA ALA B 249 -39.97 -8.79 -2.36
C ALA B 249 -39.02 -9.24 -1.26
N ALA B 250 -38.07 -8.38 -0.93
CA ALA B 250 -37.11 -8.72 0.11
C ALA B 250 -36.68 -7.44 0.78
N THR B 251 -36.71 -7.43 2.12
CA THR B 251 -36.16 -6.30 2.85
C THR B 251 -34.65 -6.28 2.70
N TYR B 252 -34.08 -5.12 2.96
CA TYR B 252 -32.62 -5.05 2.91
C TYR B 252 -31.99 -6.04 3.89
N GLU B 253 -32.62 -6.24 5.06
CA GLU B 253 -32.07 -7.20 6.01
C GLU B 253 -32.06 -8.60 5.41
N GLN B 254 -33.07 -8.93 4.60
CA GLN B 254 -33.10 -10.26 3.99
C GLN B 254 -32.04 -10.39 2.90
N ILE B 255 -31.80 -9.34 2.12
CA ILE B 255 -30.69 -9.38 1.17
C ILE B 255 -29.37 -9.58 1.90
N LYS B 256 -29.14 -8.81 2.97
CA LYS B 256 -27.90 -8.97 3.73
C LYS B 256 -27.71 -10.43 4.16
N ALA B 257 -28.76 -11.01 4.76
CA ALA B 257 -28.65 -12.38 5.25
C ALA B 257 -28.32 -13.37 4.12
N ALA B 258 -28.95 -13.20 2.96
CA ALA B 258 -28.68 -14.12 1.85
C ALA B 258 -27.24 -14.00 1.39
N VAL B 259 -26.72 -12.78 1.32
CA VAL B 259 -25.33 -12.61 0.87
C VAL B 259 -24.37 -13.16 1.91
N LYS B 260 -24.60 -12.84 3.18
CA LYS B 260 -23.76 -13.35 4.25
C LYS B 260 -23.75 -14.87 4.25
N ALA B 261 -24.91 -15.49 4.09
CA ALA B 261 -24.97 -16.95 4.09
C ALA B 261 -24.13 -17.53 2.95
N ALA B 262 -24.21 -16.92 1.76
CA ALA B 262 -23.37 -17.40 0.65
C ALA B 262 -21.89 -17.15 0.93
N ALA B 263 -21.56 -16.00 1.52
CA ALA B 263 -20.16 -15.69 1.79
C ALA B 263 -19.57 -16.64 2.83
N GLU B 264 -20.40 -17.12 3.74
CA GLU B 264 -19.93 -18.05 4.77
C GLU B 264 -19.99 -19.50 4.35
N GLY B 265 -20.67 -19.81 3.25
CA GLY B 265 -20.83 -21.17 2.79
C GLY B 265 -20.40 -21.43 1.37
N GLU B 266 -21.38 -21.58 0.47
CA GLU B 266 -21.12 -22.06 -0.88
C GLU B 266 -20.06 -21.21 -1.61
N MET B 267 -20.07 -19.90 -1.39
CA MET B 267 -19.15 -19.01 -2.09
C MET B 267 -18.01 -18.49 -1.19
N LYS B 268 -17.67 -19.20 -0.11
CA LYS B 268 -16.60 -18.77 0.78
C LYS B 268 -15.29 -18.57 0.02
N GLY B 269 -14.62 -17.45 0.27
CA GLY B 269 -13.40 -17.14 -0.45
C GLY B 269 -13.61 -16.53 -1.82
N VAL B 270 -14.82 -16.53 -2.36
CA VAL B 270 -15.16 -15.81 -3.57
C VAL B 270 -15.93 -14.55 -3.23
N LEU B 271 -17.11 -14.71 -2.62
CA LEU B 271 -17.92 -13.60 -2.14
C LEU B 271 -17.58 -13.34 -0.68
N GLY B 272 -17.37 -12.07 -0.34
CA GLY B 272 -17.15 -11.65 1.02
C GLY B 272 -18.28 -10.73 1.46
N TYR B 273 -18.31 -10.46 2.76
CA TYR B 273 -19.39 -9.69 3.36
C TYR B 273 -18.80 -8.84 4.47
N THR B 274 -19.09 -7.54 4.48
CA THR B 274 -18.65 -6.68 5.57
C THR B 274 -19.77 -5.73 5.94
N GLU B 275 -19.81 -5.35 7.23
CA GLU B 275 -20.66 -4.25 7.69
C GLU B 275 -19.83 -3.09 8.23
N ASP B 276 -18.52 -3.06 7.94
CA ASP B 276 -17.64 -2.01 8.41
C ASP B 276 -17.68 -0.79 7.49
N ASP B 277 -17.15 0.33 7.97
CA ASP B 277 -17.12 1.60 7.21
C ASP B 277 -15.90 1.63 6.30
N VAL B 278 -15.90 0.74 5.31
CA VAL B 278 -14.70 0.52 4.50
C VAL B 278 -14.63 1.55 3.38
N VAL B 279 -13.41 1.73 2.86
CA VAL B 279 -13.12 2.51 1.66
C VAL B 279 -12.21 1.65 0.80
N SER B 280 -11.95 2.11 -0.44
CA SER B 280 -11.31 1.24 -1.43
C SER B 280 -9.97 0.67 -0.94
N THR B 281 -9.12 1.50 -0.30
CA THR B 281 -7.80 0.98 0.10
C THR B 281 -7.92 -0.17 1.08
N ASP B 282 -9.07 -0.33 1.75
CA ASP B 282 -9.21 -1.46 2.65
C ASP B 282 -9.27 -2.79 1.91
N PHE B 283 -9.38 -2.77 0.58
CA PHE B 283 -9.40 -4.01 -0.19
C PHE B 283 -8.18 -4.17 -1.08
N ASN B 284 -7.17 -3.29 -0.92
CA ASN B 284 -5.93 -3.45 -1.66
C ASN B 284 -5.23 -4.71 -1.16
N GLY B 285 -5.09 -5.72 -2.02
CA GLY B 285 -4.60 -7.02 -1.60
C GLY B 285 -5.67 -8.06 -1.29
N GLU B 286 -6.95 -7.72 -1.48
N GLU B 286 -6.95 -7.74 -1.38
CA GLU B 286 -8.06 -8.63 -1.20
CA GLU B 286 -7.91 -8.74 -0.94
C GLU B 286 -8.10 -9.79 -2.18
C GLU B 286 -8.22 -9.73 -2.05
N VAL B 287 -8.29 -11.00 -1.65
CA VAL B 287 -8.35 -12.17 -2.54
C VAL B 287 -9.78 -12.48 -3.01
N CYS B 288 -10.80 -12.22 -2.17
CA CYS B 288 -12.19 -12.39 -2.61
C CYS B 288 -12.47 -11.52 -3.82
N THR B 289 -13.23 -12.04 -4.79
CA THR B 289 -13.48 -11.29 -6.01
C THR B 289 -14.69 -10.38 -5.92
N SER B 290 -15.40 -10.38 -4.80
CA SER B 290 -16.64 -9.61 -4.65
C SER B 290 -16.88 -9.48 -3.15
N VAL B 291 -16.62 -8.30 -2.58
CA VAL B 291 -16.88 -8.07 -1.15
C VAL B 291 -18.10 -7.16 -1.04
N PHE B 292 -19.21 -7.73 -0.58
CA PHE B 292 -20.46 -6.99 -0.41
C PHE B 292 -20.36 -6.00 0.75
N ASP B 293 -20.71 -4.75 0.48
CA ASP B 293 -20.61 -3.66 1.44
C ASP B 293 -22.03 -3.40 1.95
N ALA B 294 -22.38 -3.99 3.10
CA ALA B 294 -23.76 -3.94 3.57
C ALA B 294 -24.21 -2.51 3.87
N LYS B 295 -23.34 -1.69 4.47
CA LYS B 295 -23.81 -0.35 4.84
C LYS B 295 -23.90 0.60 3.66
N ALA B 296 -23.16 0.33 2.58
CA ALA B 296 -23.17 1.27 1.47
C ALA B 296 -24.42 1.15 0.59
N GLY B 297 -25.04 -0.04 0.51
CA GLY B 297 -26.19 -0.24 -0.35
C GLY B 297 -27.45 0.46 0.15
N ILE B 298 -28.44 0.59 -0.72
CA ILE B 298 -29.66 1.30 -0.35
C ILE B 298 -30.85 0.66 -1.08
N ALA B 299 -31.95 0.50 -0.36
CA ALA B 299 -33.18 -0.01 -0.95
C ALA B 299 -34.17 1.14 -1.06
N LEU B 300 -34.72 1.31 -2.25
CA LEU B 300 -35.82 2.25 -2.37
C LEU B 300 -37.11 1.62 -1.86
N ASN B 301 -37.32 0.34 -2.12
CA ASN B 301 -38.45 -0.42 -1.63
C ASN B 301 -38.05 -1.89 -1.70
N ASP B 302 -39.01 -2.77 -1.42
CA ASP B 302 -38.75 -4.21 -1.33
C ASP B 302 -38.43 -4.87 -2.67
N ASN B 303 -38.58 -4.18 -3.80
CA ASN B 303 -38.26 -4.79 -5.09
C ASN B 303 -37.26 -3.98 -5.92
N PHE B 304 -36.61 -2.97 -5.35
CA PHE B 304 -35.72 -2.11 -6.15
C PHE B 304 -34.59 -1.64 -5.24
N VAL B 305 -33.37 -2.12 -5.49
CA VAL B 305 -32.28 -1.94 -4.55
C VAL B 305 -30.99 -1.65 -5.31
N LYS B 306 -30.08 -0.95 -4.64
CA LYS B 306 -28.75 -0.65 -5.15
C LYS B 306 -27.75 -1.35 -4.24
N LEU B 307 -27.00 -2.28 -4.80
CA LEU B 307 -26.05 -3.12 -4.08
C LEU B 307 -24.63 -2.73 -4.47
N VAL B 308 -23.73 -2.79 -3.50
CA VAL B 308 -22.36 -2.30 -3.65
C VAL B 308 -21.41 -3.42 -3.28
N SER B 309 -20.45 -3.70 -4.18
CA SER B 309 -19.49 -4.76 -3.93
C SER B 309 -18.11 -4.38 -4.45
N TRP B 310 -17.09 -4.58 -3.60
CA TRP B 310 -15.70 -4.20 -3.86
C TRP B 310 -14.93 -5.34 -4.49
N TYR B 311 -13.93 -4.98 -5.29
CA TYR B 311 -12.95 -5.95 -5.75
C TYR B 311 -11.60 -5.29 -5.99
N ASP B 312 -10.55 -5.99 -5.59
CA ASP B 312 -9.20 -5.66 -6.01
C ASP B 312 -9.02 -6.23 -7.41
N ASN B 313 -9.09 -5.34 -8.42
CA ASN B 313 -9.08 -5.78 -9.81
C ASN B 313 -7.77 -6.43 -10.22
N GLU B 314 -6.70 -6.30 -9.43
CA GLU B 314 -5.47 -7.03 -9.72
C GLU B 314 -5.41 -8.33 -8.92
N THR B 315 -5.65 -8.26 -7.61
CA THR B 315 -5.35 -9.40 -6.73
C THR B 315 -6.43 -10.48 -6.79
N GLY B 316 -7.70 -10.09 -6.71
CA GLY B 316 -8.76 -11.08 -6.76
C GLY B 316 -8.74 -11.87 -8.06
N TYR B 317 -8.73 -11.14 -9.17
CA TYR B 317 -8.71 -11.77 -10.49
C TYR B 317 -7.51 -12.71 -10.62
N SER B 318 -6.34 -12.23 -10.22
CA SER B 318 -5.11 -13.01 -10.34
C SER B 318 -5.21 -14.32 -9.55
N ASN B 319 -5.75 -14.24 -8.33
CA ASN B 319 -5.95 -15.45 -7.54
C ASN B 319 -6.95 -16.40 -8.20
N LYS B 320 -8.01 -15.85 -8.79
CA LYS B 320 -8.98 -16.76 -9.42
C LYS B 320 -8.47 -17.33 -10.73
N VAL B 321 -7.52 -16.67 -11.39
CA VAL B 321 -6.82 -17.31 -12.51
C VAL B 321 -6.14 -18.59 -12.04
N LEU B 322 -5.45 -18.51 -10.89
CA LEU B 322 -4.81 -19.70 -10.33
C LEU B 322 -5.86 -20.74 -9.93
N ASP B 323 -6.98 -20.31 -9.34
CA ASP B 323 -8.07 -21.23 -9.04
C ASP B 323 -8.56 -21.93 -10.31
N LEU B 324 -8.70 -21.20 -11.42
CA LEU B 324 -9.15 -21.85 -12.64
C LEU B 324 -8.09 -22.83 -13.14
N ILE B 325 -6.81 -22.45 -13.04
CA ILE B 325 -5.74 -23.38 -13.42
C ILE B 325 -5.84 -24.66 -12.62
N ALA B 326 -6.06 -24.56 -11.30
CA ALA B 326 -6.19 -25.78 -10.51
C ALA B 326 -7.47 -26.54 -10.85
N HIS B 327 -8.56 -25.80 -11.11
CA HIS B 327 -9.83 -26.47 -11.39
C HIS B 327 -9.73 -27.32 -12.64
N ILE B 328 -9.16 -26.76 -13.73
CA ILE B 328 -9.11 -27.52 -14.97
C ILE B 328 -8.07 -28.62 -14.94
N SER B 329 -7.28 -28.69 -13.89
CA SER B 329 -6.27 -29.72 -13.73
C SER B 329 -6.74 -30.88 -12.86
N LYS B 330 -7.91 -30.75 -12.24
CA LYS B 330 -8.44 -31.84 -11.44
C LYS B 330 -8.78 -33.04 -12.31
#